data_1NFJ
# 
_entry.id   1NFJ 
# 
_audit_conform.dict_name       mmcif_pdbx.dic 
_audit_conform.dict_version    5.386 
_audit_conform.dict_location   http://mmcif.pdb.org/dictionaries/ascii/mmcif_pdbx.dic 
# 
loop_
_database_2.database_id 
_database_2.database_code 
_database_2.pdbx_database_accession 
_database_2.pdbx_DOI 
PDB   1NFJ         pdb_00001nfj 10.2210/pdb1nfj/pdb 
RCSB  RCSB017829   ?            ?                   
WWPDB D_1000017829 ?            ?                   
# 
loop_
_pdbx_audit_revision_history.ordinal 
_pdbx_audit_revision_history.data_content_type 
_pdbx_audit_revision_history.major_revision 
_pdbx_audit_revision_history.minor_revision 
_pdbx_audit_revision_history.revision_date 
1 'Structure model' 1 0 2003-08-05 
2 'Structure model' 1 1 2008-04-29 
3 'Structure model' 1 2 2011-07-13 
4 'Structure model' 1 3 2024-02-14 
# 
_pdbx_audit_revision_details.ordinal             1 
_pdbx_audit_revision_details.revision_ordinal    1 
_pdbx_audit_revision_details.data_content_type   'Structure model' 
_pdbx_audit_revision_details.provider            repository 
_pdbx_audit_revision_details.type                'Initial release' 
_pdbx_audit_revision_details.description         ? 
_pdbx_audit_revision_details.details             ? 
# 
loop_
_pdbx_audit_revision_group.ordinal 
_pdbx_audit_revision_group.revision_ordinal 
_pdbx_audit_revision_group.data_content_type 
_pdbx_audit_revision_group.group 
1 2 'Structure model' 'Version format compliance' 
2 3 'Structure model' 'Version format compliance' 
3 4 'Structure model' 'Data collection'           
4 4 'Structure model' 'Database references'       
# 
loop_
_pdbx_audit_revision_category.ordinal 
_pdbx_audit_revision_category.revision_ordinal 
_pdbx_audit_revision_category.data_content_type 
_pdbx_audit_revision_category.category 
1 4 'Structure model' chem_comp_atom 
2 4 'Structure model' chem_comp_bond 
3 4 'Structure model' database_2     
# 
loop_
_pdbx_audit_revision_item.ordinal 
_pdbx_audit_revision_item.revision_ordinal 
_pdbx_audit_revision_item.data_content_type 
_pdbx_audit_revision_item.item 
1 4 'Structure model' '_database_2.pdbx_DOI'                
2 4 'Structure model' '_database_2.pdbx_database_accession' 
# 
_pdbx_database_status.status_code                     REL 
_pdbx_database_status.entry_id                        1NFJ 
_pdbx_database_status.recvd_initial_deposition_date   2002-12-15 
_pdbx_database_status.deposit_site                    RCSB 
_pdbx_database_status.process_site                    RCSB 
_pdbx_database_status.status_code_sf                  REL 
_pdbx_database_status.SG_entry                        . 
_pdbx_database_status.pdb_format_compatible           Y 
_pdbx_database_status.status_code_mr                  ? 
_pdbx_database_status.status_code_cs                  ? 
_pdbx_database_status.status_code_nmr_data            ? 
_pdbx_database_status.methods_development_category    ? 
# 
_pdbx_database_related.db_name        PDB 
_pdbx_database_related.db_id          1NFH 
_pdbx_database_related.details        'Same protein, dimeric' 
_pdbx_database_related.content_type   unspecified 
# 
loop_
_audit_author.name 
_audit_author.pdbx_ordinal 
'Zhao, K.'        1 
'Chai, X.'        2 
'Marmorstein, R.' 3 
# 
_citation.id                        primary 
_citation.title                     
'Structure of a Sir2 substrate, alba, reveals a mechanism for deacetylation-induced enhancement of DNA-binding' 
_citation.journal_abbrev            J.Biol.Chem. 
_citation.journal_volume            278 
_citation.page_first                26071 
_citation.page_last                 26077 
_citation.year                      2003 
_citation.journal_id_ASTM           JBCHA3 
_citation.country                   US 
_citation.journal_id_ISSN           0021-9258 
_citation.journal_id_CSD            0071 
_citation.book_publisher            ? 
_citation.pdbx_database_id_PubMed   12730210 
_citation.pdbx_database_id_DOI      10.1074/jbc.M303666200 
# 
loop_
_citation_author.citation_id 
_citation_author.name 
_citation_author.ordinal 
_citation_author.identifier_ORCID 
primary 'Zhao, K.'        1 ? 
primary 'Chai, X.'        2 ? 
primary 'Marmorstein, R.' 3 ? 
# 
loop_
_entity.id 
_entity.type 
_entity.src_method 
_entity.pdbx_description 
_entity.formula_weight 
_entity.pdbx_number_of_molecules 
_entity.pdbx_ec 
_entity.pdbx_mutation 
_entity.pdbx_fragment 
_entity.details 
1 polymer man 'conserved hypothetical protein AF1956' 9908.438 1   ? ? ? ? 
2 water   nat water                                   18.015   164 ? ? ? ? 
# 
_entity_name_com.entity_id   1 
_entity_name_com.name        alba 
# 
_entity_poly.entity_id                      1 
_entity_poly.type                           'polypeptide(L)' 
_entity_poly.nstd_linkage                   no 
_entity_poly.nstd_monomer                   no 
_entity_poly.pdbx_seq_one_letter_code       
;MAEHVVYVGNKPVMNYVLATLTQLNEGADEVVIKARGRAISRAVDVAEIVRNRFMPGVKVKEIKIDTEELESEQGRRSNV
STIEIVLAK
;
_entity_poly.pdbx_seq_one_letter_code_can   
;MAEHVVYVGNKPVMNYVLATLTQLNEGADEVVIKARGRAISRAVDVAEIVRNRFMPGVKVKEIKIDTEELESEQGRRSNV
STIEIVLAK
;
_entity_poly.pdbx_strand_id                 A 
_entity_poly.pdbx_target_identifier         ? 
# 
_pdbx_entity_nonpoly.entity_id   2 
_pdbx_entity_nonpoly.name        water 
_pdbx_entity_nonpoly.comp_id     HOH 
# 
loop_
_entity_poly_seq.entity_id 
_entity_poly_seq.num 
_entity_poly_seq.mon_id 
_entity_poly_seq.hetero 
1 1  MET n 
1 2  ALA n 
1 3  GLU n 
1 4  HIS n 
1 5  VAL n 
1 6  VAL n 
1 7  TYR n 
1 8  VAL n 
1 9  GLY n 
1 10 ASN n 
1 11 LYS n 
1 12 PRO n 
1 13 VAL n 
1 14 MET n 
1 15 ASN n 
1 16 TYR n 
1 17 VAL n 
1 18 LEU n 
1 19 ALA n 
1 20 THR n 
1 21 LEU n 
1 22 THR n 
1 23 GLN n 
1 24 LEU n 
1 25 ASN n 
1 26 GLU n 
1 27 GLY n 
1 28 ALA n 
1 29 ASP n 
1 30 GLU n 
1 31 VAL n 
1 32 VAL n 
1 33 ILE n 
1 34 LYS n 
1 35 ALA n 
1 36 ARG n 
1 37 GLY n 
1 38 ARG n 
1 39 ALA n 
1 40 ILE n 
1 41 SER n 
1 42 ARG n 
1 43 ALA n 
1 44 VAL n 
1 45 ASP n 
1 46 VAL n 
1 47 ALA n 
1 48 GLU n 
1 49 ILE n 
1 50 VAL n 
1 51 ARG n 
1 52 ASN n 
1 53 ARG n 
1 54 PHE n 
1 55 MET n 
1 56 PRO n 
1 57 GLY n 
1 58 VAL n 
1 59 LYS n 
1 60 VAL n 
1 61 LYS n 
1 62 GLU n 
1 63 ILE n 
1 64 LYS n 
1 65 ILE n 
1 66 ASP n 
1 67 THR n 
1 68 GLU n 
1 69 GLU n 
1 70 LEU n 
1 71 GLU n 
1 72 SER n 
1 73 GLU n 
1 74 GLN n 
1 75 GLY n 
1 76 ARG n 
1 77 ARG n 
1 78 SER n 
1 79 ASN n 
1 80 VAL n 
1 81 SER n 
1 82 THR n 
1 83 ILE n 
1 84 GLU n 
1 85 ILE n 
1 86 VAL n 
1 87 LEU n 
1 88 ALA n 
1 89 LYS n 
# 
_entity_src_gen.entity_id                          1 
_entity_src_gen.pdbx_src_id                        1 
_entity_src_gen.pdbx_alt_source_flag               sample 
_entity_src_gen.pdbx_seq_type                      ? 
_entity_src_gen.pdbx_beg_seq_num                   ? 
_entity_src_gen.pdbx_end_seq_num                   ? 
_entity_src_gen.gene_src_common_name               ? 
_entity_src_gen.gene_src_genus                     Archaeoglobus 
_entity_src_gen.pdbx_gene_src_gene                 ? 
_entity_src_gen.gene_src_species                   ? 
_entity_src_gen.gene_src_strain                    ? 
_entity_src_gen.gene_src_tissue                    ? 
_entity_src_gen.gene_src_tissue_fraction           ? 
_entity_src_gen.gene_src_details                   ? 
_entity_src_gen.pdbx_gene_src_fragment             ? 
_entity_src_gen.pdbx_gene_src_scientific_name      'Archaeoglobus fulgidus' 
_entity_src_gen.pdbx_gene_src_ncbi_taxonomy_id     2234 
_entity_src_gen.pdbx_gene_src_variant              ? 
_entity_src_gen.pdbx_gene_src_cell_line            ? 
_entity_src_gen.pdbx_gene_src_atcc                 ? 
_entity_src_gen.pdbx_gene_src_organ                ? 
_entity_src_gen.pdbx_gene_src_organelle            ? 
_entity_src_gen.pdbx_gene_src_cell                 ? 
_entity_src_gen.pdbx_gene_src_cellular_location    ? 
_entity_src_gen.host_org_common_name               ? 
_entity_src_gen.pdbx_host_org_scientific_name      'Escherichia coli BL21(DE3)' 
_entity_src_gen.pdbx_host_org_ncbi_taxonomy_id     469008 
_entity_src_gen.host_org_genus                     Escherichia 
_entity_src_gen.pdbx_host_org_gene                 ? 
_entity_src_gen.pdbx_host_org_organ                ? 
_entity_src_gen.host_org_species                   'Escherichia coli' 
_entity_src_gen.pdbx_host_org_tissue               ? 
_entity_src_gen.pdbx_host_org_tissue_fraction      ? 
_entity_src_gen.pdbx_host_org_strain               'BL21 (DE3)' 
_entity_src_gen.pdbx_host_org_variant              ? 
_entity_src_gen.pdbx_host_org_cell_line            ? 
_entity_src_gen.pdbx_host_org_atcc                 ? 
_entity_src_gen.pdbx_host_org_culture_collection   ? 
_entity_src_gen.pdbx_host_org_cell                 ? 
_entity_src_gen.pdbx_host_org_organelle            ? 
_entity_src_gen.pdbx_host_org_cellular_location    ? 
_entity_src_gen.pdbx_host_org_vector_type          Plasmid 
_entity_src_gen.pdbx_host_org_vector               ? 
_entity_src_gen.host_org_details                   ? 
_entity_src_gen.expression_system_id               ? 
_entity_src_gen.plasmid_name                       'pGEX 4T-1' 
_entity_src_gen.plasmid_details                    ? 
_entity_src_gen.pdbx_description                   ? 
# 
loop_
_chem_comp.id 
_chem_comp.type 
_chem_comp.mon_nstd_flag 
_chem_comp.name 
_chem_comp.pdbx_synonyms 
_chem_comp.formula 
_chem_comp.formula_weight 
ALA 'L-peptide linking' y ALANINE         ? 'C3 H7 N O2'     89.093  
ARG 'L-peptide linking' y ARGININE        ? 'C6 H15 N4 O2 1' 175.209 
ASN 'L-peptide linking' y ASPARAGINE      ? 'C4 H8 N2 O3'    132.118 
ASP 'L-peptide linking' y 'ASPARTIC ACID' ? 'C4 H7 N O4'     133.103 
GLN 'L-peptide linking' y GLUTAMINE       ? 'C5 H10 N2 O3'   146.144 
GLU 'L-peptide linking' y 'GLUTAMIC ACID' ? 'C5 H9 N O4'     147.129 
GLY 'peptide linking'   y GLYCINE         ? 'C2 H5 N O2'     75.067  
HIS 'L-peptide linking' y HISTIDINE       ? 'C6 H10 N3 O2 1' 156.162 
HOH non-polymer         . WATER           ? 'H2 O'           18.015  
ILE 'L-peptide linking' y ISOLEUCINE      ? 'C6 H13 N O2'    131.173 
LEU 'L-peptide linking' y LEUCINE         ? 'C6 H13 N O2'    131.173 
LYS 'L-peptide linking' y LYSINE          ? 'C6 H15 N2 O2 1' 147.195 
MET 'L-peptide linking' y METHIONINE      ? 'C5 H11 N O2 S'  149.211 
PHE 'L-peptide linking' y PHENYLALANINE   ? 'C9 H11 N O2'    165.189 
PRO 'L-peptide linking' y PROLINE         ? 'C5 H9 N O2'     115.130 
SER 'L-peptide linking' y SERINE          ? 'C3 H7 N O3'     105.093 
THR 'L-peptide linking' y THREONINE       ? 'C4 H9 N O3'     119.119 
TYR 'L-peptide linking' y TYROSINE        ? 'C9 H11 N O3'    181.189 
VAL 'L-peptide linking' y VALINE          ? 'C5 H11 N O2'    117.146 
# 
loop_
_pdbx_poly_seq_scheme.asym_id 
_pdbx_poly_seq_scheme.entity_id 
_pdbx_poly_seq_scheme.seq_id 
_pdbx_poly_seq_scheme.mon_id 
_pdbx_poly_seq_scheme.ndb_seq_num 
_pdbx_poly_seq_scheme.pdb_seq_num 
_pdbx_poly_seq_scheme.auth_seq_num 
_pdbx_poly_seq_scheme.pdb_mon_id 
_pdbx_poly_seq_scheme.auth_mon_id 
_pdbx_poly_seq_scheme.pdb_strand_id 
_pdbx_poly_seq_scheme.pdb_ins_code 
_pdbx_poly_seq_scheme.hetero 
A 1 1  MET 1  1  ?  ?   ?   A . n 
A 1 2  ALA 2  2  ?  ?   ?   A . n 
A 1 3  GLU 3  3  3  GLU GLU A . n 
A 1 4  HIS 4  4  4  HIS HIS A . n 
A 1 5  VAL 5  5  5  VAL VAL A . n 
A 1 6  VAL 6  6  6  VAL VAL A . n 
A 1 7  TYR 7  7  7  TYR TYR A . n 
A 1 8  VAL 8  8  8  VAL VAL A . n 
A 1 9  GLY 9  9  9  GLY GLY A . n 
A 1 10 ASN 10 10 10 ASN ASN A . n 
A 1 11 LYS 11 11 11 LYS LYS A . n 
A 1 12 PRO 12 12 12 PRO PRO A . n 
A 1 13 VAL 13 13 13 VAL VAL A . n 
A 1 14 MET 14 14 14 MET MET A . n 
A 1 15 ASN 15 15 15 ASN ASN A . n 
A 1 16 TYR 16 16 16 TYR TYR A . n 
A 1 17 VAL 17 17 17 VAL VAL A . n 
A 1 18 LEU 18 18 18 LEU LEU A . n 
A 1 19 ALA 19 19 19 ALA ALA A . n 
A 1 20 THR 20 20 20 THR THR A . n 
A 1 21 LEU 21 21 21 LEU LEU A . n 
A 1 22 THR 22 22 22 THR THR A . n 
A 1 23 GLN 23 23 23 GLN GLN A . n 
A 1 24 LEU 24 24 24 LEU LEU A . n 
A 1 25 ASN 25 25 25 ASN ASN A . n 
A 1 26 GLU 26 26 26 GLU GLU A . n 
A 1 27 GLY 27 27 27 GLY GLY A . n 
A 1 28 ALA 28 28 28 ALA ALA A . n 
A 1 29 ASP 29 29 29 ASP ASP A . n 
A 1 30 GLU 30 30 30 GLU GLU A . n 
A 1 31 VAL 31 31 31 VAL VAL A . n 
A 1 32 VAL 32 32 32 VAL VAL A . n 
A 1 33 ILE 33 33 33 ILE ILE A . n 
A 1 34 LYS 34 34 34 LYS LYS A . n 
A 1 35 ALA 35 35 35 ALA ALA A . n 
A 1 36 ARG 36 36 36 ARG ARG A . n 
A 1 37 GLY 37 37 37 GLY GLY A . n 
A 1 38 ARG 38 38 38 ARG ARG A . n 
A 1 39 ALA 39 39 39 ALA ALA A . n 
A 1 40 ILE 40 40 40 ILE ILE A . n 
A 1 41 SER 41 41 41 SER SER A . n 
A 1 42 ARG 42 42 42 ARG ARG A . n 
A 1 43 ALA 43 43 43 ALA ALA A . n 
A 1 44 VAL 44 44 44 VAL VAL A . n 
A 1 45 ASP 45 45 45 ASP ASP A . n 
A 1 46 VAL 46 46 46 VAL VAL A . n 
A 1 47 ALA 47 47 47 ALA ALA A . n 
A 1 48 GLU 48 48 48 GLU GLU A . n 
A 1 49 ILE 49 49 49 ILE ILE A . n 
A 1 50 VAL 50 50 50 VAL VAL A . n 
A 1 51 ARG 51 51 51 ARG ARG A . n 
A 1 52 ASN 52 52 52 ASN ASN A . n 
A 1 53 ARG 53 53 53 ARG ARG A . n 
A 1 54 PHE 54 54 54 PHE PHE A . n 
A 1 55 MET 55 55 55 MET MET A . n 
A 1 56 PRO 56 56 56 PRO PRO A . n 
A 1 57 GLY 57 57 57 GLY GLY A . n 
A 1 58 VAL 58 58 58 VAL VAL A . n 
A 1 59 LYS 59 59 59 LYS LYS A . n 
A 1 60 VAL 60 60 60 VAL VAL A . n 
A 1 61 LYS 61 61 61 LYS LYS A . n 
A 1 62 GLU 62 62 62 GLU GLU A . n 
A 1 63 ILE 63 63 63 ILE ILE A . n 
A 1 64 LYS 64 64 64 LYS LYS A . n 
A 1 65 ILE 65 65 65 ILE ILE A . n 
A 1 66 ASP 66 66 66 ASP ASP A . n 
A 1 67 THR 67 67 67 THR THR A . n 
A 1 68 GLU 68 68 68 GLU GLU A . n 
A 1 69 GLU 69 69 69 GLU GLU A . n 
A 1 70 LEU 70 70 70 LEU LEU A . n 
A 1 71 GLU 71 71 71 GLU GLU A . n 
A 1 72 SER 72 72 72 SER SER A . n 
A 1 73 GLU 73 73 73 GLU GLU A . n 
A 1 74 GLN 74 74 74 GLN GLN A . n 
A 1 75 GLY 75 75 75 GLY GLY A . n 
A 1 76 ARG 76 76 76 ARG ARG A . n 
A 1 77 ARG 77 77 77 ARG ARG A . n 
A 1 78 SER 78 78 78 SER SER A . n 
A 1 79 ASN 79 79 79 ASN ASN A . n 
A 1 80 VAL 80 80 80 VAL VAL A . n 
A 1 81 SER 81 81 81 SER SER A . n 
A 1 82 THR 82 82 82 THR THR A . n 
A 1 83 ILE 83 83 83 ILE ILE A . n 
A 1 84 GLU 84 84 84 GLU GLU A . n 
A 1 85 ILE 85 85 85 ILE ILE A . n 
A 1 86 VAL 86 86 86 VAL VAL A . n 
A 1 87 LEU 87 87 87 LEU LEU A . n 
A 1 88 ALA 88 88 88 ALA ALA A . n 
A 1 89 LYS 89 89 89 LYS LYS A . n 
# 
loop_
_pdbx_nonpoly_scheme.asym_id 
_pdbx_nonpoly_scheme.entity_id 
_pdbx_nonpoly_scheme.mon_id 
_pdbx_nonpoly_scheme.ndb_seq_num 
_pdbx_nonpoly_scheme.pdb_seq_num 
_pdbx_nonpoly_scheme.auth_seq_num 
_pdbx_nonpoly_scheme.pdb_mon_id 
_pdbx_nonpoly_scheme.auth_mon_id 
_pdbx_nonpoly_scheme.pdb_strand_id 
_pdbx_nonpoly_scheme.pdb_ins_code 
B 2 HOH 1   90  1   HOH HOH A . 
B 2 HOH 2   91  2   HOH HOH A . 
B 2 HOH 3   92  3   HOH HOH A . 
B 2 HOH 4   93  4   HOH HOH A . 
B 2 HOH 5   94  5   HOH HOH A . 
B 2 HOH 6   95  6   HOH HOH A . 
B 2 HOH 7   96  7   HOH HOH A . 
B 2 HOH 8   97  8   HOH HOH A . 
B 2 HOH 9   98  9   HOH HOH A . 
B 2 HOH 10  99  10  HOH HOH A . 
B 2 HOH 11  100 11  HOH HOH A . 
B 2 HOH 12  101 12  HOH HOH A . 
B 2 HOH 13  102 13  HOH HOH A . 
B 2 HOH 14  103 14  HOH HOH A . 
B 2 HOH 15  104 15  HOH HOH A . 
B 2 HOH 16  105 16  HOH HOH A . 
B 2 HOH 17  106 17  HOH HOH A . 
B 2 HOH 18  107 18  HOH HOH A . 
B 2 HOH 19  108 19  HOH HOH A . 
B 2 HOH 20  109 20  HOH HOH A . 
B 2 HOH 21  110 21  HOH HOH A . 
B 2 HOH 22  111 22  HOH HOH A . 
B 2 HOH 23  112 23  HOH HOH A . 
B 2 HOH 24  113 24  HOH HOH A . 
B 2 HOH 25  114 25  HOH HOH A . 
B 2 HOH 26  115 26  HOH HOH A . 
B 2 HOH 27  116 27  HOH HOH A . 
B 2 HOH 28  117 28  HOH HOH A . 
B 2 HOH 29  118 29  HOH HOH A . 
B 2 HOH 30  119 30  HOH HOH A . 
B 2 HOH 31  120 31  HOH HOH A . 
B 2 HOH 32  121 32  HOH HOH A . 
B 2 HOH 33  122 33  HOH HOH A . 
B 2 HOH 34  123 34  HOH HOH A . 
B 2 HOH 35  124 35  HOH HOH A . 
B 2 HOH 36  125 36  HOH HOH A . 
B 2 HOH 37  126 37  HOH HOH A . 
B 2 HOH 38  127 38  HOH HOH A . 
B 2 HOH 39  128 39  HOH HOH A . 
B 2 HOH 40  129 40  HOH HOH A . 
B 2 HOH 41  130 41  HOH HOH A . 
B 2 HOH 42  131 42  HOH HOH A . 
B 2 HOH 43  132 43  HOH HOH A . 
B 2 HOH 44  133 44  HOH HOH A . 
B 2 HOH 45  134 45  HOH HOH A . 
B 2 HOH 46  135 46  HOH HOH A . 
B 2 HOH 47  136 47  HOH HOH A . 
B 2 HOH 48  137 48  HOH HOH A . 
B 2 HOH 49  138 49  HOH HOH A . 
B 2 HOH 50  139 50  HOH HOH A . 
B 2 HOH 51  140 51  HOH HOH A . 
B 2 HOH 52  141 52  HOH HOH A . 
B 2 HOH 53  142 53  HOH HOH A . 
B 2 HOH 54  143 54  HOH HOH A . 
B 2 HOH 55  144 55  HOH HOH A . 
B 2 HOH 56  145 56  HOH HOH A . 
B 2 HOH 57  146 57  HOH HOH A . 
B 2 HOH 58  147 58  HOH HOH A . 
B 2 HOH 59  148 59  HOH HOH A . 
B 2 HOH 60  149 60  HOH HOH A . 
B 2 HOH 61  150 61  HOH HOH A . 
B 2 HOH 62  151 62  HOH HOH A . 
B 2 HOH 63  152 63  HOH HOH A . 
B 2 HOH 64  153 64  HOH HOH A . 
B 2 HOH 65  154 65  HOH HOH A . 
B 2 HOH 66  155 66  HOH HOH A . 
B 2 HOH 67  156 67  HOH HOH A . 
B 2 HOH 68  157 68  HOH HOH A . 
B 2 HOH 69  158 69  HOH HOH A . 
B 2 HOH 70  159 70  HOH HOH A . 
B 2 HOH 71  160 71  HOH HOH A . 
B 2 HOH 72  161 72  HOH HOH A . 
B 2 HOH 73  162 73  HOH HOH A . 
B 2 HOH 74  163 74  HOH HOH A . 
B 2 HOH 75  164 75  HOH HOH A . 
B 2 HOH 76  165 76  HOH HOH A . 
B 2 HOH 77  166 77  HOH HOH A . 
B 2 HOH 78  167 78  HOH HOH A . 
B 2 HOH 79  168 79  HOH HOH A . 
B 2 HOH 80  169 80  HOH HOH A . 
B 2 HOH 81  170 81  HOH HOH A . 
B 2 HOH 82  171 82  HOH HOH A . 
B 2 HOH 83  172 83  HOH HOH A . 
B 2 HOH 84  173 84  HOH HOH A . 
B 2 HOH 85  174 85  HOH HOH A . 
B 2 HOH 86  175 86  HOH HOH A . 
B 2 HOH 87  176 87  HOH HOH A . 
B 2 HOH 88  177 88  HOH HOH A . 
B 2 HOH 89  178 89  HOH HOH A . 
B 2 HOH 90  179 90  HOH HOH A . 
B 2 HOH 91  180 91  HOH HOH A . 
B 2 HOH 92  181 92  HOH HOH A . 
B 2 HOH 93  182 93  HOH HOH A . 
B 2 HOH 94  183 94  HOH HOH A . 
B 2 HOH 95  184 95  HOH HOH A . 
B 2 HOH 96  185 96  HOH HOH A . 
B 2 HOH 97  186 97  HOH HOH A . 
B 2 HOH 98  187 98  HOH HOH A . 
B 2 HOH 99  188 99  HOH HOH A . 
B 2 HOH 100 189 100 HOH HOH A . 
B 2 HOH 101 190 101 HOH HOH A . 
B 2 HOH 102 191 102 HOH HOH A . 
B 2 HOH 103 192 103 HOH HOH A . 
B 2 HOH 104 193 104 HOH HOH A . 
B 2 HOH 105 194 105 HOH HOH A . 
B 2 HOH 106 195 106 HOH HOH A . 
B 2 HOH 107 196 107 HOH HOH A . 
B 2 HOH 108 197 108 HOH HOH A . 
B 2 HOH 109 198 109 HOH HOH A . 
B 2 HOH 110 199 110 HOH HOH A . 
B 2 HOH 111 200 111 HOH HOH A . 
B 2 HOH 112 201 112 HOH HOH A . 
B 2 HOH 113 202 113 HOH HOH A . 
B 2 HOH 114 203 114 HOH HOH A . 
B 2 HOH 115 204 115 HOH HOH A . 
B 2 HOH 116 205 116 HOH HOH A . 
B 2 HOH 117 206 117 HOH HOH A . 
B 2 HOH 118 207 118 HOH HOH A . 
B 2 HOH 119 208 119 HOH HOH A . 
B 2 HOH 120 209 120 HOH HOH A . 
B 2 HOH 121 210 121 HOH HOH A . 
B 2 HOH 122 211 122 HOH HOH A . 
B 2 HOH 123 212 123 HOH HOH A . 
B 2 HOH 124 213 124 HOH HOH A . 
B 2 HOH 125 214 125 HOH HOH A . 
B 2 HOH 126 215 126 HOH HOH A . 
B 2 HOH 127 216 127 HOH HOH A . 
B 2 HOH 128 217 128 HOH HOH A . 
B 2 HOH 129 218 129 HOH HOH A . 
B 2 HOH 130 219 130 HOH HOH A . 
B 2 HOH 131 220 131 HOH HOH A . 
B 2 HOH 132 221 132 HOH HOH A . 
B 2 HOH 133 222 133 HOH HOH A . 
B 2 HOH 134 223 134 HOH HOH A . 
B 2 HOH 135 224 135 HOH HOH A . 
B 2 HOH 136 225 136 HOH HOH A . 
B 2 HOH 137 226 137 HOH HOH A . 
B 2 HOH 138 227 138 HOH HOH A . 
B 2 HOH 139 228 139 HOH HOH A . 
B 2 HOH 140 229 140 HOH HOH A . 
B 2 HOH 141 230 141 HOH HOH A . 
B 2 HOH 142 231 142 HOH HOH A . 
B 2 HOH 143 232 143 HOH HOH A . 
B 2 HOH 144 233 144 HOH HOH A . 
B 2 HOH 145 234 145 HOH HOH A . 
B 2 HOH 146 235 146 HOH HOH A . 
B 2 HOH 147 236 147 HOH HOH A . 
B 2 HOH 148 237 148 HOH HOH A . 
B 2 HOH 149 238 149 HOH HOH A . 
B 2 HOH 150 239 150 HOH HOH A . 
B 2 HOH 151 240 151 HOH HOH A . 
B 2 HOH 152 241 152 HOH HOH A . 
B 2 HOH 153 242 153 HOH HOH A . 
B 2 HOH 154 243 154 HOH HOH A . 
B 2 HOH 155 244 155 HOH HOH A . 
B 2 HOH 156 245 156 HOH HOH A . 
B 2 HOH 157 246 157 HOH HOH A . 
B 2 HOH 158 247 158 HOH HOH A . 
B 2 HOH 159 248 159 HOH HOH A . 
B 2 HOH 160 249 160 HOH HOH A . 
B 2 HOH 161 250 161 HOH HOH A . 
B 2 HOH 162 251 162 HOH HOH A . 
B 2 HOH 163 252 163 HOH HOH A . 
B 2 HOH 164 253 164 HOH HOH A . 
# 
loop_
_software.name 
_software.classification 
_software.version 
_software.citation_id 
_software.pdbx_ordinal 
DENZO     'data reduction' . ? 1 
SCALEPACK 'data scaling'   . ? 2 
CNS       refinement       . ? 3 
CNS       phasing          . ? 4 
# 
_cell.entry_id           1NFJ 
_cell.length_a           33.835 
_cell.length_b           56.026 
_cell.length_c           90.268 
_cell.angle_alpha        90.00 
_cell.angle_beta         90.00 
_cell.angle_gamma        90.00 
_cell.Z_PDB              8 
_cell.pdbx_unique_axis   ? 
# 
_symmetry.entry_id                         1NFJ 
_symmetry.space_group_name_H-M             'I 21 21 21' 
_symmetry.pdbx_full_space_group_name_H-M   ? 
_symmetry.cell_setting                     ? 
_symmetry.Int_Tables_number                24 
# 
_exptl.entry_id          1NFJ 
_exptl.method            'X-RAY DIFFRACTION' 
_exptl.crystals_number   1 
# 
_exptl_crystal.id                    1 
_exptl_crystal.density_meas          ? 
_exptl_crystal.density_Matthews      2.16 
_exptl_crystal.density_percent_sol   43.01 
_exptl_crystal.description           ? 
# 
_exptl_crystal_grow.crystal_id      1 
_exptl_crystal_grow.method          'VAPOR DIFFUSION, HANGING DROP' 
_exptl_crystal_grow.temp            293 
_exptl_crystal_grow.temp_details    ? 
_exptl_crystal_grow.pH              8.5 
_exptl_crystal_grow.pdbx_details    'PEG 400, Na-citrate, Tris-HCl, pH 8.5, VAPOR DIFFUSION, HANGING DROP, temperature 293K' 
_exptl_crystal_grow.pdbx_pH_range   . 
# 
_diffrn.id                     1 
_diffrn.ambient_temp           100 
_diffrn.ambient_temp_details   ? 
_diffrn.crystal_id             1 
# 
_diffrn_detector.diffrn_id              1 
_diffrn_detector.detector               CCD 
_diffrn_detector.type                   'ADSC QUANTUM 4' 
_diffrn_detector.pdbx_collection_date   2002-08-10 
_diffrn_detector.details                ? 
# 
_diffrn_radiation.diffrn_id                        1 
_diffrn_radiation.wavelength_id                    1 
_diffrn_radiation.pdbx_monochromatic_or_laue_m_l   M 
_diffrn_radiation.monochromator                    'Ni MIRROR + Ni FILTER' 
_diffrn_radiation.pdbx_diffrn_protocol             'SINGLE WAVELENGTH' 
_diffrn_radiation.pdbx_scattering_type             x-ray 
# 
_diffrn_radiation_wavelength.id           1 
_diffrn_radiation_wavelength.wavelength   0.9795 
_diffrn_radiation_wavelength.wt           1.0 
# 
_diffrn_source.diffrn_id                   1 
_diffrn_source.source                      SYNCHROTRON 
_diffrn_source.type                        'APS BEAMLINE 19-BM' 
_diffrn_source.pdbx_synchrotron_site       APS 
_diffrn_source.pdbx_synchrotron_beamline   19-BM 
_diffrn_source.pdbx_wavelength             ? 
_diffrn_source.pdbx_wavelength_list        0.9795 
# 
_reflns.entry_id                     1NFJ 
_reflns.observed_criterion_sigma_F   2.0 
_reflns.observed_criterion_sigma_I   0.0 
_reflns.d_resolution_high            2.0 
_reflns.d_resolution_low             20 
_reflns.number_all                   ? 
_reflns.number_obs                   6056 
_reflns.percent_possible_obs         99.9 
_reflns.pdbx_Rmerge_I_obs            0.058 
_reflns.pdbx_Rsym_value              0.056 
_reflns.pdbx_netI_over_sigmaI        35.6 
_reflns.B_iso_Wilson_estimate        12.8 
_reflns.pdbx_redundancy              8.6 
_reflns.R_free_details               ? 
_reflns.limit_h_max                  ? 
_reflns.limit_h_min                  ? 
_reflns.limit_k_max                  ? 
_reflns.limit_k_min                  ? 
_reflns.limit_l_max                  ? 
_reflns.limit_l_min                  ? 
_reflns.observed_criterion_F_max     ? 
_reflns.observed_criterion_F_min     ? 
_reflns.pdbx_diffrn_id               1 
_reflns.pdbx_ordinal                 1 
# 
_reflns_shell.d_res_high             2.0 
_reflns_shell.d_res_low              2.07 
_reflns_shell.percent_possible_all   100.0 
_reflns_shell.Rmerge_I_obs           0.179 
_reflns_shell.pdbx_Rsym_value        0.173 
_reflns_shell.meanI_over_sigI_obs    13.2 
_reflns_shell.pdbx_redundancy        4.5 
_reflns_shell.percent_possible_obs   ? 
_reflns_shell.number_unique_all      580 
_reflns_shell.pdbx_diffrn_id         ? 
_reflns_shell.pdbx_ordinal           1 
# 
_refine.entry_id                                 1NFJ 
_refine.ls_d_res_high                            2.0 
_refine.ls_d_res_low                             20 
_refine.pdbx_ls_sigma_F                          0.0 
_refine.pdbx_ls_sigma_I                          ? 
_refine.ls_number_reflns_all                     5900 
_refine.ls_number_reflns_obs                     5248 
_refine.ls_number_reflns_R_free                  651 
_refine.ls_percent_reflns_obs                    ? 
_refine.ls_R_factor_all                          0.242 
_refine.ls_R_factor_obs                          0.232 
_refine.ls_R_factor_R_work                       0.226 
_refine.ls_R_factor_R_free                       0.256 
_refine.ls_redundancy_reflns_obs                 ? 
_refine.pdbx_data_cutoff_high_absF               ? 
_refine.pdbx_data_cutoff_low_absF                ? 
_refine.ls_number_parameters                     ? 
_refine.ls_number_restraints                     ? 
_refine.ls_percent_reflns_R_free                 ? 
_refine.ls_R_factor_R_free_error                 ? 
_refine.ls_R_factor_R_free_error_details         ? 
_refine.pdbx_method_to_determine_struct          MAD 
_refine.pdbx_starting_model                      ? 
_refine.pdbx_ls_cross_valid_method               THROUGHOUT 
_refine.pdbx_R_Free_selection_details            Random 
_refine.pdbx_stereochem_target_val_spec_case     ? 
_refine.pdbx_stereochemistry_target_values       'Engh & Huber' 
_refine.solvent_model_details                    ? 
_refine.solvent_model_param_bsol                 ? 
_refine.solvent_model_param_ksol                 ? 
_refine.occupancy_max                            ? 
_refine.occupancy_min                            ? 
_refine.pdbx_isotropic_thermal_model             ? 
_refine.B_iso_mean                               ? 
_refine.aniso_B[1][1]                            -6.260 
_refine.aniso_B[1][2]                            0 
_refine.aniso_B[1][3]                            0 
_refine.aniso_B[2][2]                            1.371 
_refine.aniso_B[2][3]                            0 
_refine.aniso_B[3][3]                            4.889 
_refine.details                                  ? 
_refine.B_iso_min                                ? 
_refine.B_iso_max                                ? 
_refine.correlation_coeff_Fo_to_Fc               ? 
_refine.correlation_coeff_Fo_to_Fc_free          ? 
_refine.pdbx_solvent_vdw_probe_radii             ? 
_refine.pdbx_solvent_ion_probe_radii             ? 
_refine.pdbx_solvent_shrinkage_radii             ? 
_refine.overall_SU_R_Cruickshank_DPI             ? 
_refine.overall_SU_R_free                        ? 
_refine.overall_SU_B                             ? 
_refine.overall_SU_ML                            ? 
_refine.pdbx_overall_ESU_R                       ? 
_refine.pdbx_overall_ESU_R_Free                  ? 
_refine.pdbx_data_cutoff_high_rms_absF           ? 
_refine.pdbx_refine_id                           'X-RAY DIFFRACTION' 
_refine.pdbx_diffrn_id                           1 
_refine.pdbx_TLS_residual_ADP_flag               ? 
_refine.pdbx_overall_phase_error                 ? 
_refine.pdbx_overall_SU_R_free_Cruickshank_DPI   ? 
_refine.pdbx_overall_SU_R_Blow_DPI               ? 
_refine.pdbx_overall_SU_R_free_Blow_DPI          ? 
# 
_refine_hist.pdbx_refine_id                   'X-RAY DIFFRACTION' 
_refine_hist.cycle_id                         LAST 
_refine_hist.pdbx_number_atoms_protein        680 
_refine_hist.pdbx_number_atoms_nucleic_acid   0 
_refine_hist.pdbx_number_atoms_ligand         0 
_refine_hist.number_atoms_solvent             164 
_refine_hist.number_atoms_total               844 
_refine_hist.d_res_high                       2.0 
_refine_hist.d_res_low                        20 
# 
loop_
_refine_ls_restr.type 
_refine_ls_restr.dev_ideal 
_refine_ls_restr.dev_ideal_target 
_refine_ls_restr.weight 
_refine_ls_restr.number 
_refine_ls_restr.pdbx_refine_id 
_refine_ls_restr.pdbx_restraint_function 
c_bond_d     0.012 ?   ? ? 'X-RAY DIFFRACTION' ? 
c_angle_d    1.7   ?   ? ? 'X-RAY DIFFRACTION' ? 
c_mcbond_it  1.586 1.5 ? ? 'X-RAY DIFFRACTION' ? 
c_scbond_it  2.467 2   ? ? 'X-RAY DIFFRACTION' ? 
c_mcangle_it 2.568 2   ? ? 'X-RAY DIFFRACTION' ? 
c_scangle_it 3.867 2.5 ? ? 'X-RAY DIFFRACTION' ? 
# 
loop_
_pdbx_xplor_file.serial_no 
_pdbx_xplor_file.param_file 
_pdbx_xplor_file.topol_file 
_pdbx_xplor_file.pdbx_refine_id 
1 protein_rep.param ? 'X-RAY DIFFRACTION' 
2 water_rep.param   ? 'X-RAY DIFFRACTION' 
# 
_struct.entry_id                  1NFJ 
_struct.title                     
'Structure of a Sir2 substrate, alba, reveals a mechanism for deactylation-induced enhancement of DNA-binding' 
_struct.pdbx_model_details        ? 
_struct.pdbx_CASP_flag            ? 
_struct.pdbx_model_type_details   ? 
# 
_struct_keywords.entry_id        1NFJ 
_struct_keywords.pdbx_keywords   'GENE REGULATION' 
_struct_keywords.text            'Sir2, alba, HDAC, gene regulation, transcription' 
# 
loop_
_struct_asym.id 
_struct_asym.pdbx_blank_PDB_chainid_flag 
_struct_asym.pdbx_modified 
_struct_asym.entity_id 
_struct_asym.details 
A N N 1 ? 
B N N 2 ? 
# 
_struct_ref.id                         1 
_struct_ref.db_name                    UNP 
_struct_ref.db_code                    ALBA2_ARCFU 
_struct_ref.entity_id                  1 
_struct_ref.pdbx_seq_one_letter_code   
;MAEHVVYVGNKPVMNYVLATLTQLNEGADEVVIKARGRAISRAVDVAEIVRNRFMPGVKVKEIKIDTEELESEQGRRSNV
STIEIVLAK
;
_struct_ref.pdbx_align_begin           1 
_struct_ref.pdbx_db_accession          O28323 
_struct_ref.pdbx_db_isoform            ? 
# 
_struct_ref_seq.align_id                      1 
_struct_ref_seq.ref_id                        1 
_struct_ref_seq.pdbx_PDB_id_code              1NFJ 
_struct_ref_seq.pdbx_strand_id                A 
_struct_ref_seq.seq_align_beg                 1 
_struct_ref_seq.pdbx_seq_align_beg_ins_code   ? 
_struct_ref_seq.seq_align_end                 89 
_struct_ref_seq.pdbx_seq_align_end_ins_code   ? 
_struct_ref_seq.pdbx_db_accession             O28323 
_struct_ref_seq.db_align_beg                  1 
_struct_ref_seq.pdbx_db_align_beg_ins_code    ? 
_struct_ref_seq.db_align_end                  89 
_struct_ref_seq.pdbx_db_align_end_ins_code    ? 
_struct_ref_seq.pdbx_auth_seq_align_beg       1 
_struct_ref_seq.pdbx_auth_seq_align_end       89 
# 
_pdbx_struct_assembly.id                   1 
_pdbx_struct_assembly.details              author_defined_assembly 
_pdbx_struct_assembly.method_details       ? 
_pdbx_struct_assembly.oligomeric_details   tetrameric 
_pdbx_struct_assembly.oligomeric_count     4 
# 
_pdbx_struct_assembly_gen.assembly_id       1 
_pdbx_struct_assembly_gen.oper_expression   1,2,3,4 
_pdbx_struct_assembly_gen.asym_id_list      A,B 
# 
loop_
_pdbx_struct_oper_list.id 
_pdbx_struct_oper_list.type 
_pdbx_struct_oper_list.name 
_pdbx_struct_oper_list.symmetry_operation 
_pdbx_struct_oper_list.matrix[1][1] 
_pdbx_struct_oper_list.matrix[1][2] 
_pdbx_struct_oper_list.matrix[1][3] 
_pdbx_struct_oper_list.vector[1] 
_pdbx_struct_oper_list.matrix[2][1] 
_pdbx_struct_oper_list.matrix[2][2] 
_pdbx_struct_oper_list.matrix[2][3] 
_pdbx_struct_oper_list.vector[2] 
_pdbx_struct_oper_list.matrix[3][1] 
_pdbx_struct_oper_list.matrix[3][2] 
_pdbx_struct_oper_list.matrix[3][3] 
_pdbx_struct_oper_list.vector[3] 
1 'identity operation'         1_555 x,y,z             1.0000000000  0.0000000000  0.0000000000  0.0000000000   0.0000000000  1.0000000000  0.0000000000  0.0000000000  0.0000000000  0.0000000000  1.0000000000  0.0000000000   
2 'crystal symmetry operation' 2_564 -x+1/2,-y+1,z-1/2 -0.7120048047 -0.3904706452 -0.5835938942 -12.6556509332 -0.3904706452 -0.4705907347 0.7912502990  33.5977251611 -0.5835938942 0.7912502990  0.1825955394  29.9700184288  
3 'crystal symmetry operation' 7_555 -x+1/2,y,-z       0.1282234330  0.9863620361  -0.1031924653 -14.5987459139 0.9863620361  -0.1376618870 -0.0902171744 18.6497419314 -0.1031924653 -0.0902171744 -0.9905615461 18.6520419461  
4 'crystal symmetry operation' 8_565 x,-y+1,-z+1/2     -0.4162186283 -0.5958913910 0.6867863595  13.8253435879  -0.5958913910 -0.3917473783 -0.7010331246 -1.1622483144 0.6867863595  -0.7010331246 -0.1920339934 -12.7602298542  
# 
_struct_biol.id                    1 
_struct_biol.pdbx_parent_biol_id   ? 
_struct_biol.details               ? 
# 
loop_
_struct_conf.conf_type_id 
_struct_conf.id 
_struct_conf.pdbx_PDB_helix_id 
_struct_conf.beg_label_comp_id 
_struct_conf.beg_label_asym_id 
_struct_conf.beg_label_seq_id 
_struct_conf.pdbx_beg_PDB_ins_code 
_struct_conf.end_label_comp_id 
_struct_conf.end_label_asym_id 
_struct_conf.end_label_seq_id 
_struct_conf.pdbx_end_PDB_ins_code 
_struct_conf.beg_auth_comp_id 
_struct_conf.beg_auth_asym_id 
_struct_conf.beg_auth_seq_id 
_struct_conf.end_auth_comp_id 
_struct_conf.end_auth_asym_id 
_struct_conf.end_auth_seq_id 
_struct_conf.pdbx_PDB_helix_class 
_struct_conf.details 
_struct_conf.pdbx_PDB_helix_length 
HELX_P HELX_P1 1 PRO A 12 ? GLU A 26 ? PRO A 12 GLU A 26 1 ? 15 
HELX_P HELX_P2 2 ARG A 38 ? PHE A 54 ? ARG A 38 PHE A 54 1 ? 17 
# 
_struct_conf_type.id          HELX_P 
_struct_conf_type.criteria    ? 
_struct_conf_type.reference   ? 
# 
_struct_sheet.id               A 
_struct_sheet.type             ? 
_struct_sheet.number_strands   4 
_struct_sheet.details          ? 
# 
loop_
_struct_sheet_order.sheet_id 
_struct_sheet_order.range_id_1 
_struct_sheet_order.range_id_2 
_struct_sheet_order.offset 
_struct_sheet_order.sense 
A 1 2 ? parallel      
A 2 3 ? anti-parallel 
A 3 4 ? anti-parallel 
# 
loop_
_struct_sheet_range.sheet_id 
_struct_sheet_range.id 
_struct_sheet_range.beg_label_comp_id 
_struct_sheet_range.beg_label_asym_id 
_struct_sheet_range.beg_label_seq_id 
_struct_sheet_range.pdbx_beg_PDB_ins_code 
_struct_sheet_range.end_label_comp_id 
_struct_sheet_range.end_label_asym_id 
_struct_sheet_range.end_label_seq_id 
_struct_sheet_range.pdbx_end_PDB_ins_code 
_struct_sheet_range.beg_auth_comp_id 
_struct_sheet_range.beg_auth_asym_id 
_struct_sheet_range.beg_auth_seq_id 
_struct_sheet_range.end_auth_comp_id 
_struct_sheet_range.end_auth_asym_id 
_struct_sheet_range.end_auth_seq_id 
A 1 HIS A 4  ? TYR A 7  ? HIS A 4  TYR A 7  
A 2 GLU A 30 ? ARG A 36 ? GLU A 30 ARG A 36 
A 3 ASN A 79 ? ALA A 88 ? ASN A 79 ALA A 88 
A 4 LYS A 59 ? GLU A 69 ? LYS A 59 GLU A 69 
# 
loop_
_pdbx_struct_sheet_hbond.sheet_id 
_pdbx_struct_sheet_hbond.range_id_1 
_pdbx_struct_sheet_hbond.range_id_2 
_pdbx_struct_sheet_hbond.range_1_label_atom_id 
_pdbx_struct_sheet_hbond.range_1_label_comp_id 
_pdbx_struct_sheet_hbond.range_1_label_asym_id 
_pdbx_struct_sheet_hbond.range_1_label_seq_id 
_pdbx_struct_sheet_hbond.range_1_PDB_ins_code 
_pdbx_struct_sheet_hbond.range_1_auth_atom_id 
_pdbx_struct_sheet_hbond.range_1_auth_comp_id 
_pdbx_struct_sheet_hbond.range_1_auth_asym_id 
_pdbx_struct_sheet_hbond.range_1_auth_seq_id 
_pdbx_struct_sheet_hbond.range_2_label_atom_id 
_pdbx_struct_sheet_hbond.range_2_label_comp_id 
_pdbx_struct_sheet_hbond.range_2_label_asym_id 
_pdbx_struct_sheet_hbond.range_2_label_seq_id 
_pdbx_struct_sheet_hbond.range_2_PDB_ins_code 
_pdbx_struct_sheet_hbond.range_2_auth_atom_id 
_pdbx_struct_sheet_hbond.range_2_auth_comp_id 
_pdbx_struct_sheet_hbond.range_2_auth_asym_id 
_pdbx_struct_sheet_hbond.range_2_auth_seq_id 
A 1 2 N VAL A 6  ? N VAL A 6  O VAL A 32 ? O VAL A 32 
A 2 3 N ILE A 33 ? N ILE A 33 O ILE A 85 ? O ILE A 85 
A 3 4 O ALA A 88 ? O ALA A 88 N LYS A 59 ? N LYS A 59 
# 
loop_
_pdbx_validate_close_contact.id 
_pdbx_validate_close_contact.PDB_model_num 
_pdbx_validate_close_contact.auth_atom_id_1 
_pdbx_validate_close_contact.auth_asym_id_1 
_pdbx_validate_close_contact.auth_comp_id_1 
_pdbx_validate_close_contact.auth_seq_id_1 
_pdbx_validate_close_contact.PDB_ins_code_1 
_pdbx_validate_close_contact.label_alt_id_1 
_pdbx_validate_close_contact.auth_atom_id_2 
_pdbx_validate_close_contact.auth_asym_id_2 
_pdbx_validate_close_contact.auth_comp_id_2 
_pdbx_validate_close_contact.auth_seq_id_2 
_pdbx_validate_close_contact.PDB_ins_code_2 
_pdbx_validate_close_contact.label_alt_id_2 
_pdbx_validate_close_contact.dist 
1 1 OE2 A GLU 71 ? ? O   A HOH 178 ? ? 1.33 
2 1 NH1 A ARG 76 ? ? O   A HOH 230 ? ? 1.57 
3 1 OE2 A GLU 3  ? ? CG2 A VAL 32  ? ? 1.90 
4 1 OD1 A ASN 10 ? ? O   A HOH 252 ? ? 2.05 
5 1 OE1 A GLU 71 ? ? O   A HOH 226 ? ? 2.09 
# 
loop_
_pdbx_validate_symm_contact.id 
_pdbx_validate_symm_contact.PDB_model_num 
_pdbx_validate_symm_contact.auth_atom_id_1 
_pdbx_validate_symm_contact.auth_asym_id_1 
_pdbx_validate_symm_contact.auth_comp_id_1 
_pdbx_validate_symm_contact.auth_seq_id_1 
_pdbx_validate_symm_contact.PDB_ins_code_1 
_pdbx_validate_symm_contact.label_alt_id_1 
_pdbx_validate_symm_contact.site_symmetry_1 
_pdbx_validate_symm_contact.auth_atom_id_2 
_pdbx_validate_symm_contact.auth_asym_id_2 
_pdbx_validate_symm_contact.auth_comp_id_2 
_pdbx_validate_symm_contact.auth_seq_id_2 
_pdbx_validate_symm_contact.PDB_ins_code_2 
_pdbx_validate_symm_contact.label_alt_id_2 
_pdbx_validate_symm_contact.site_symmetry_2 
_pdbx_validate_symm_contact.dist 
1  1 NE  A ARG 76  ? ? 1_555 CZ  A ARG 76  ? ? 6_655 0.61 
2  1 NE  A ARG 76  ? ? 1_555 NH2 A ARG 76  ? ? 6_655 1.05 
3  1 CZ  A ARG 76  ? ? 1_555 CZ  A ARG 76  ? ? 6_655 1.14 
4  1 CD  A ARG 76  ? ? 1_555 NH1 A ARG 76  ? ? 6_655 1.29 
5  1 NE  A ARG 76  ? ? 1_555 NH1 A ARG 76  ? ? 6_655 1.55 
6  1 CD1 A ILE 49  ? ? 1_555 O   A HOH 179 ? ? 3_655 1.59 
7  1 NE  A ARG 76  ? ? 1_555 NE  A ARG 76  ? ? 6_655 1.70 
8  1 CD  A ARG 76  ? ? 1_555 CZ  A ARG 76  ? ? 6_655 1.75 
9  1 CD  A GLU 3   ? ? 1_555 O   A HOH 200 ? ? 6_555 2.00 
10 1 O   A HOH 211 ? ? 1_555 O   A HOH 211 ? ? 7_455 2.05 
11 1 CD  A ARG 76  ? ? 1_555 NH2 A ARG 76  ? ? 6_655 2.09 
12 1 CZ  A ARG 76  ? ? 1_555 NH2 A ARG 76  ? ? 6_655 2.10 
13 1 CZ  A ARG 76  ? ? 1_555 NH1 A ARG 76  ? ? 6_655 2.10 
14 1 O   A HOH 164 ? ? 1_555 O   A HOH 164 ? ? 7_455 2.19 
# 
_pdbx_validate_torsion.id              1 
_pdbx_validate_torsion.PDB_model_num   1 
_pdbx_validate_torsion.auth_comp_id    ASP 
_pdbx_validate_torsion.auth_asym_id    A 
_pdbx_validate_torsion.auth_seq_id     66 
_pdbx_validate_torsion.PDB_ins_code    ? 
_pdbx_validate_torsion.label_alt_id    ? 
_pdbx_validate_torsion.phi             -160.19 
_pdbx_validate_torsion.psi             -169.01 
# 
loop_
_pdbx_unobs_or_zero_occ_residues.id 
_pdbx_unobs_or_zero_occ_residues.PDB_model_num 
_pdbx_unobs_or_zero_occ_residues.polymer_flag 
_pdbx_unobs_or_zero_occ_residues.occupancy_flag 
_pdbx_unobs_or_zero_occ_residues.auth_asym_id 
_pdbx_unobs_or_zero_occ_residues.auth_comp_id 
_pdbx_unobs_or_zero_occ_residues.auth_seq_id 
_pdbx_unobs_or_zero_occ_residues.PDB_ins_code 
_pdbx_unobs_or_zero_occ_residues.label_asym_id 
_pdbx_unobs_or_zero_occ_residues.label_comp_id 
_pdbx_unobs_or_zero_occ_residues.label_seq_id 
1 1 Y 1 A MET 1 ? A MET 1 
2 1 Y 1 A ALA 2 ? A ALA 2 
# 
loop_
_chem_comp_atom.comp_id 
_chem_comp_atom.atom_id 
_chem_comp_atom.type_symbol 
_chem_comp_atom.pdbx_aromatic_flag 
_chem_comp_atom.pdbx_stereo_config 
_chem_comp_atom.pdbx_ordinal 
ALA N    N N N 1   
ALA CA   C N S 2   
ALA C    C N N 3   
ALA O    O N N 4   
ALA CB   C N N 5   
ALA OXT  O N N 6   
ALA H    H N N 7   
ALA H2   H N N 8   
ALA HA   H N N 9   
ALA HB1  H N N 10  
ALA HB2  H N N 11  
ALA HB3  H N N 12  
ALA HXT  H N N 13  
ARG N    N N N 14  
ARG CA   C N S 15  
ARG C    C N N 16  
ARG O    O N N 17  
ARG CB   C N N 18  
ARG CG   C N N 19  
ARG CD   C N N 20  
ARG NE   N N N 21  
ARG CZ   C N N 22  
ARG NH1  N N N 23  
ARG NH2  N N N 24  
ARG OXT  O N N 25  
ARG H    H N N 26  
ARG H2   H N N 27  
ARG HA   H N N 28  
ARG HB2  H N N 29  
ARG HB3  H N N 30  
ARG HG2  H N N 31  
ARG HG3  H N N 32  
ARG HD2  H N N 33  
ARG HD3  H N N 34  
ARG HE   H N N 35  
ARG HH11 H N N 36  
ARG HH12 H N N 37  
ARG HH21 H N N 38  
ARG HH22 H N N 39  
ARG HXT  H N N 40  
ASN N    N N N 41  
ASN CA   C N S 42  
ASN C    C N N 43  
ASN O    O N N 44  
ASN CB   C N N 45  
ASN CG   C N N 46  
ASN OD1  O N N 47  
ASN ND2  N N N 48  
ASN OXT  O N N 49  
ASN H    H N N 50  
ASN H2   H N N 51  
ASN HA   H N N 52  
ASN HB2  H N N 53  
ASN HB3  H N N 54  
ASN HD21 H N N 55  
ASN HD22 H N N 56  
ASN HXT  H N N 57  
ASP N    N N N 58  
ASP CA   C N S 59  
ASP C    C N N 60  
ASP O    O N N 61  
ASP CB   C N N 62  
ASP CG   C N N 63  
ASP OD1  O N N 64  
ASP OD2  O N N 65  
ASP OXT  O N N 66  
ASP H    H N N 67  
ASP H2   H N N 68  
ASP HA   H N N 69  
ASP HB2  H N N 70  
ASP HB3  H N N 71  
ASP HD2  H N N 72  
ASP HXT  H N N 73  
GLN N    N N N 74  
GLN CA   C N S 75  
GLN C    C N N 76  
GLN O    O N N 77  
GLN CB   C N N 78  
GLN CG   C N N 79  
GLN CD   C N N 80  
GLN OE1  O N N 81  
GLN NE2  N N N 82  
GLN OXT  O N N 83  
GLN H    H N N 84  
GLN H2   H N N 85  
GLN HA   H N N 86  
GLN HB2  H N N 87  
GLN HB3  H N N 88  
GLN HG2  H N N 89  
GLN HG3  H N N 90  
GLN HE21 H N N 91  
GLN HE22 H N N 92  
GLN HXT  H N N 93  
GLU N    N N N 94  
GLU CA   C N S 95  
GLU C    C N N 96  
GLU O    O N N 97  
GLU CB   C N N 98  
GLU CG   C N N 99  
GLU CD   C N N 100 
GLU OE1  O N N 101 
GLU OE2  O N N 102 
GLU OXT  O N N 103 
GLU H    H N N 104 
GLU H2   H N N 105 
GLU HA   H N N 106 
GLU HB2  H N N 107 
GLU HB3  H N N 108 
GLU HG2  H N N 109 
GLU HG3  H N N 110 
GLU HE2  H N N 111 
GLU HXT  H N N 112 
GLY N    N N N 113 
GLY CA   C N N 114 
GLY C    C N N 115 
GLY O    O N N 116 
GLY OXT  O N N 117 
GLY H    H N N 118 
GLY H2   H N N 119 
GLY HA2  H N N 120 
GLY HA3  H N N 121 
GLY HXT  H N N 122 
HIS N    N N N 123 
HIS CA   C N S 124 
HIS C    C N N 125 
HIS O    O N N 126 
HIS CB   C N N 127 
HIS CG   C Y N 128 
HIS ND1  N Y N 129 
HIS CD2  C Y N 130 
HIS CE1  C Y N 131 
HIS NE2  N Y N 132 
HIS OXT  O N N 133 
HIS H    H N N 134 
HIS H2   H N N 135 
HIS HA   H N N 136 
HIS HB2  H N N 137 
HIS HB3  H N N 138 
HIS HD1  H N N 139 
HIS HD2  H N N 140 
HIS HE1  H N N 141 
HIS HE2  H N N 142 
HIS HXT  H N N 143 
HOH O    O N N 144 
HOH H1   H N N 145 
HOH H2   H N N 146 
ILE N    N N N 147 
ILE CA   C N S 148 
ILE C    C N N 149 
ILE O    O N N 150 
ILE CB   C N S 151 
ILE CG1  C N N 152 
ILE CG2  C N N 153 
ILE CD1  C N N 154 
ILE OXT  O N N 155 
ILE H    H N N 156 
ILE H2   H N N 157 
ILE HA   H N N 158 
ILE HB   H N N 159 
ILE HG12 H N N 160 
ILE HG13 H N N 161 
ILE HG21 H N N 162 
ILE HG22 H N N 163 
ILE HG23 H N N 164 
ILE HD11 H N N 165 
ILE HD12 H N N 166 
ILE HD13 H N N 167 
ILE HXT  H N N 168 
LEU N    N N N 169 
LEU CA   C N S 170 
LEU C    C N N 171 
LEU O    O N N 172 
LEU CB   C N N 173 
LEU CG   C N N 174 
LEU CD1  C N N 175 
LEU CD2  C N N 176 
LEU OXT  O N N 177 
LEU H    H N N 178 
LEU H2   H N N 179 
LEU HA   H N N 180 
LEU HB2  H N N 181 
LEU HB3  H N N 182 
LEU HG   H N N 183 
LEU HD11 H N N 184 
LEU HD12 H N N 185 
LEU HD13 H N N 186 
LEU HD21 H N N 187 
LEU HD22 H N N 188 
LEU HD23 H N N 189 
LEU HXT  H N N 190 
LYS N    N N N 191 
LYS CA   C N S 192 
LYS C    C N N 193 
LYS O    O N N 194 
LYS CB   C N N 195 
LYS CG   C N N 196 
LYS CD   C N N 197 
LYS CE   C N N 198 
LYS NZ   N N N 199 
LYS OXT  O N N 200 
LYS H    H N N 201 
LYS H2   H N N 202 
LYS HA   H N N 203 
LYS HB2  H N N 204 
LYS HB3  H N N 205 
LYS HG2  H N N 206 
LYS HG3  H N N 207 
LYS HD2  H N N 208 
LYS HD3  H N N 209 
LYS HE2  H N N 210 
LYS HE3  H N N 211 
LYS HZ1  H N N 212 
LYS HZ2  H N N 213 
LYS HZ3  H N N 214 
LYS HXT  H N N 215 
MET N    N N N 216 
MET CA   C N S 217 
MET C    C N N 218 
MET O    O N N 219 
MET CB   C N N 220 
MET CG   C N N 221 
MET SD   S N N 222 
MET CE   C N N 223 
MET OXT  O N N 224 
MET H    H N N 225 
MET H2   H N N 226 
MET HA   H N N 227 
MET HB2  H N N 228 
MET HB3  H N N 229 
MET HG2  H N N 230 
MET HG3  H N N 231 
MET HE1  H N N 232 
MET HE2  H N N 233 
MET HE3  H N N 234 
MET HXT  H N N 235 
PHE N    N N N 236 
PHE CA   C N S 237 
PHE C    C N N 238 
PHE O    O N N 239 
PHE CB   C N N 240 
PHE CG   C Y N 241 
PHE CD1  C Y N 242 
PHE CD2  C Y N 243 
PHE CE1  C Y N 244 
PHE CE2  C Y N 245 
PHE CZ   C Y N 246 
PHE OXT  O N N 247 
PHE H    H N N 248 
PHE H2   H N N 249 
PHE HA   H N N 250 
PHE HB2  H N N 251 
PHE HB3  H N N 252 
PHE HD1  H N N 253 
PHE HD2  H N N 254 
PHE HE1  H N N 255 
PHE HE2  H N N 256 
PHE HZ   H N N 257 
PHE HXT  H N N 258 
PRO N    N N N 259 
PRO CA   C N S 260 
PRO C    C N N 261 
PRO O    O N N 262 
PRO CB   C N N 263 
PRO CG   C N N 264 
PRO CD   C N N 265 
PRO OXT  O N N 266 
PRO H    H N N 267 
PRO HA   H N N 268 
PRO HB2  H N N 269 
PRO HB3  H N N 270 
PRO HG2  H N N 271 
PRO HG3  H N N 272 
PRO HD2  H N N 273 
PRO HD3  H N N 274 
PRO HXT  H N N 275 
SER N    N N N 276 
SER CA   C N S 277 
SER C    C N N 278 
SER O    O N N 279 
SER CB   C N N 280 
SER OG   O N N 281 
SER OXT  O N N 282 
SER H    H N N 283 
SER H2   H N N 284 
SER HA   H N N 285 
SER HB2  H N N 286 
SER HB3  H N N 287 
SER HG   H N N 288 
SER HXT  H N N 289 
THR N    N N N 290 
THR CA   C N S 291 
THR C    C N N 292 
THR O    O N N 293 
THR CB   C N R 294 
THR OG1  O N N 295 
THR CG2  C N N 296 
THR OXT  O N N 297 
THR H    H N N 298 
THR H2   H N N 299 
THR HA   H N N 300 
THR HB   H N N 301 
THR HG1  H N N 302 
THR HG21 H N N 303 
THR HG22 H N N 304 
THR HG23 H N N 305 
THR HXT  H N N 306 
TYR N    N N N 307 
TYR CA   C N S 308 
TYR C    C N N 309 
TYR O    O N N 310 
TYR CB   C N N 311 
TYR CG   C Y N 312 
TYR CD1  C Y N 313 
TYR CD2  C Y N 314 
TYR CE1  C Y N 315 
TYR CE2  C Y N 316 
TYR CZ   C Y N 317 
TYR OH   O N N 318 
TYR OXT  O N N 319 
TYR H    H N N 320 
TYR H2   H N N 321 
TYR HA   H N N 322 
TYR HB2  H N N 323 
TYR HB3  H N N 324 
TYR HD1  H N N 325 
TYR HD2  H N N 326 
TYR HE1  H N N 327 
TYR HE2  H N N 328 
TYR HH   H N N 329 
TYR HXT  H N N 330 
VAL N    N N N 331 
VAL CA   C N S 332 
VAL C    C N N 333 
VAL O    O N N 334 
VAL CB   C N N 335 
VAL CG1  C N N 336 
VAL CG2  C N N 337 
VAL OXT  O N N 338 
VAL H    H N N 339 
VAL H2   H N N 340 
VAL HA   H N N 341 
VAL HB   H N N 342 
VAL HG11 H N N 343 
VAL HG12 H N N 344 
VAL HG13 H N N 345 
VAL HG21 H N N 346 
VAL HG22 H N N 347 
VAL HG23 H N N 348 
VAL HXT  H N N 349 
# 
loop_
_chem_comp_bond.comp_id 
_chem_comp_bond.atom_id_1 
_chem_comp_bond.atom_id_2 
_chem_comp_bond.value_order 
_chem_comp_bond.pdbx_aromatic_flag 
_chem_comp_bond.pdbx_stereo_config 
_chem_comp_bond.pdbx_ordinal 
ALA N   CA   sing N N 1   
ALA N   H    sing N N 2   
ALA N   H2   sing N N 3   
ALA CA  C    sing N N 4   
ALA CA  CB   sing N N 5   
ALA CA  HA   sing N N 6   
ALA C   O    doub N N 7   
ALA C   OXT  sing N N 8   
ALA CB  HB1  sing N N 9   
ALA CB  HB2  sing N N 10  
ALA CB  HB3  sing N N 11  
ALA OXT HXT  sing N N 12  
ARG N   CA   sing N N 13  
ARG N   H    sing N N 14  
ARG N   H2   sing N N 15  
ARG CA  C    sing N N 16  
ARG CA  CB   sing N N 17  
ARG CA  HA   sing N N 18  
ARG C   O    doub N N 19  
ARG C   OXT  sing N N 20  
ARG CB  CG   sing N N 21  
ARG CB  HB2  sing N N 22  
ARG CB  HB3  sing N N 23  
ARG CG  CD   sing N N 24  
ARG CG  HG2  sing N N 25  
ARG CG  HG3  sing N N 26  
ARG CD  NE   sing N N 27  
ARG CD  HD2  sing N N 28  
ARG CD  HD3  sing N N 29  
ARG NE  CZ   sing N N 30  
ARG NE  HE   sing N N 31  
ARG CZ  NH1  sing N N 32  
ARG CZ  NH2  doub N N 33  
ARG NH1 HH11 sing N N 34  
ARG NH1 HH12 sing N N 35  
ARG NH2 HH21 sing N N 36  
ARG NH2 HH22 sing N N 37  
ARG OXT HXT  sing N N 38  
ASN N   CA   sing N N 39  
ASN N   H    sing N N 40  
ASN N   H2   sing N N 41  
ASN CA  C    sing N N 42  
ASN CA  CB   sing N N 43  
ASN CA  HA   sing N N 44  
ASN C   O    doub N N 45  
ASN C   OXT  sing N N 46  
ASN CB  CG   sing N N 47  
ASN CB  HB2  sing N N 48  
ASN CB  HB3  sing N N 49  
ASN CG  OD1  doub N N 50  
ASN CG  ND2  sing N N 51  
ASN ND2 HD21 sing N N 52  
ASN ND2 HD22 sing N N 53  
ASN OXT HXT  sing N N 54  
ASP N   CA   sing N N 55  
ASP N   H    sing N N 56  
ASP N   H2   sing N N 57  
ASP CA  C    sing N N 58  
ASP CA  CB   sing N N 59  
ASP CA  HA   sing N N 60  
ASP C   O    doub N N 61  
ASP C   OXT  sing N N 62  
ASP CB  CG   sing N N 63  
ASP CB  HB2  sing N N 64  
ASP CB  HB3  sing N N 65  
ASP CG  OD1  doub N N 66  
ASP CG  OD2  sing N N 67  
ASP OD2 HD2  sing N N 68  
ASP OXT HXT  sing N N 69  
GLN N   CA   sing N N 70  
GLN N   H    sing N N 71  
GLN N   H2   sing N N 72  
GLN CA  C    sing N N 73  
GLN CA  CB   sing N N 74  
GLN CA  HA   sing N N 75  
GLN C   O    doub N N 76  
GLN C   OXT  sing N N 77  
GLN CB  CG   sing N N 78  
GLN CB  HB2  sing N N 79  
GLN CB  HB3  sing N N 80  
GLN CG  CD   sing N N 81  
GLN CG  HG2  sing N N 82  
GLN CG  HG3  sing N N 83  
GLN CD  OE1  doub N N 84  
GLN CD  NE2  sing N N 85  
GLN NE2 HE21 sing N N 86  
GLN NE2 HE22 sing N N 87  
GLN OXT HXT  sing N N 88  
GLU N   CA   sing N N 89  
GLU N   H    sing N N 90  
GLU N   H2   sing N N 91  
GLU CA  C    sing N N 92  
GLU CA  CB   sing N N 93  
GLU CA  HA   sing N N 94  
GLU C   O    doub N N 95  
GLU C   OXT  sing N N 96  
GLU CB  CG   sing N N 97  
GLU CB  HB2  sing N N 98  
GLU CB  HB3  sing N N 99  
GLU CG  CD   sing N N 100 
GLU CG  HG2  sing N N 101 
GLU CG  HG3  sing N N 102 
GLU CD  OE1  doub N N 103 
GLU CD  OE2  sing N N 104 
GLU OE2 HE2  sing N N 105 
GLU OXT HXT  sing N N 106 
GLY N   CA   sing N N 107 
GLY N   H    sing N N 108 
GLY N   H2   sing N N 109 
GLY CA  C    sing N N 110 
GLY CA  HA2  sing N N 111 
GLY CA  HA3  sing N N 112 
GLY C   O    doub N N 113 
GLY C   OXT  sing N N 114 
GLY OXT HXT  sing N N 115 
HIS N   CA   sing N N 116 
HIS N   H    sing N N 117 
HIS N   H2   sing N N 118 
HIS CA  C    sing N N 119 
HIS CA  CB   sing N N 120 
HIS CA  HA   sing N N 121 
HIS C   O    doub N N 122 
HIS C   OXT  sing N N 123 
HIS CB  CG   sing N N 124 
HIS CB  HB2  sing N N 125 
HIS CB  HB3  sing N N 126 
HIS CG  ND1  sing Y N 127 
HIS CG  CD2  doub Y N 128 
HIS ND1 CE1  doub Y N 129 
HIS ND1 HD1  sing N N 130 
HIS CD2 NE2  sing Y N 131 
HIS CD2 HD2  sing N N 132 
HIS CE1 NE2  sing Y N 133 
HIS CE1 HE1  sing N N 134 
HIS NE2 HE2  sing N N 135 
HIS OXT HXT  sing N N 136 
HOH O   H1   sing N N 137 
HOH O   H2   sing N N 138 
ILE N   CA   sing N N 139 
ILE N   H    sing N N 140 
ILE N   H2   sing N N 141 
ILE CA  C    sing N N 142 
ILE CA  CB   sing N N 143 
ILE CA  HA   sing N N 144 
ILE C   O    doub N N 145 
ILE C   OXT  sing N N 146 
ILE CB  CG1  sing N N 147 
ILE CB  CG2  sing N N 148 
ILE CB  HB   sing N N 149 
ILE CG1 CD1  sing N N 150 
ILE CG1 HG12 sing N N 151 
ILE CG1 HG13 sing N N 152 
ILE CG2 HG21 sing N N 153 
ILE CG2 HG22 sing N N 154 
ILE CG2 HG23 sing N N 155 
ILE CD1 HD11 sing N N 156 
ILE CD1 HD12 sing N N 157 
ILE CD1 HD13 sing N N 158 
ILE OXT HXT  sing N N 159 
LEU N   CA   sing N N 160 
LEU N   H    sing N N 161 
LEU N   H2   sing N N 162 
LEU CA  C    sing N N 163 
LEU CA  CB   sing N N 164 
LEU CA  HA   sing N N 165 
LEU C   O    doub N N 166 
LEU C   OXT  sing N N 167 
LEU CB  CG   sing N N 168 
LEU CB  HB2  sing N N 169 
LEU CB  HB3  sing N N 170 
LEU CG  CD1  sing N N 171 
LEU CG  CD2  sing N N 172 
LEU CG  HG   sing N N 173 
LEU CD1 HD11 sing N N 174 
LEU CD1 HD12 sing N N 175 
LEU CD1 HD13 sing N N 176 
LEU CD2 HD21 sing N N 177 
LEU CD2 HD22 sing N N 178 
LEU CD2 HD23 sing N N 179 
LEU OXT HXT  sing N N 180 
LYS N   CA   sing N N 181 
LYS N   H    sing N N 182 
LYS N   H2   sing N N 183 
LYS CA  C    sing N N 184 
LYS CA  CB   sing N N 185 
LYS CA  HA   sing N N 186 
LYS C   O    doub N N 187 
LYS C   OXT  sing N N 188 
LYS CB  CG   sing N N 189 
LYS CB  HB2  sing N N 190 
LYS CB  HB3  sing N N 191 
LYS CG  CD   sing N N 192 
LYS CG  HG2  sing N N 193 
LYS CG  HG3  sing N N 194 
LYS CD  CE   sing N N 195 
LYS CD  HD2  sing N N 196 
LYS CD  HD3  sing N N 197 
LYS CE  NZ   sing N N 198 
LYS CE  HE2  sing N N 199 
LYS CE  HE3  sing N N 200 
LYS NZ  HZ1  sing N N 201 
LYS NZ  HZ2  sing N N 202 
LYS NZ  HZ3  sing N N 203 
LYS OXT HXT  sing N N 204 
MET N   CA   sing N N 205 
MET N   H    sing N N 206 
MET N   H2   sing N N 207 
MET CA  C    sing N N 208 
MET CA  CB   sing N N 209 
MET CA  HA   sing N N 210 
MET C   O    doub N N 211 
MET C   OXT  sing N N 212 
MET CB  CG   sing N N 213 
MET CB  HB2  sing N N 214 
MET CB  HB3  sing N N 215 
MET CG  SD   sing N N 216 
MET CG  HG2  sing N N 217 
MET CG  HG3  sing N N 218 
MET SD  CE   sing N N 219 
MET CE  HE1  sing N N 220 
MET CE  HE2  sing N N 221 
MET CE  HE3  sing N N 222 
MET OXT HXT  sing N N 223 
PHE N   CA   sing N N 224 
PHE N   H    sing N N 225 
PHE N   H2   sing N N 226 
PHE CA  C    sing N N 227 
PHE CA  CB   sing N N 228 
PHE CA  HA   sing N N 229 
PHE C   O    doub N N 230 
PHE C   OXT  sing N N 231 
PHE CB  CG   sing N N 232 
PHE CB  HB2  sing N N 233 
PHE CB  HB3  sing N N 234 
PHE CG  CD1  doub Y N 235 
PHE CG  CD2  sing Y N 236 
PHE CD1 CE1  sing Y N 237 
PHE CD1 HD1  sing N N 238 
PHE CD2 CE2  doub Y N 239 
PHE CD2 HD2  sing N N 240 
PHE CE1 CZ   doub Y N 241 
PHE CE1 HE1  sing N N 242 
PHE CE2 CZ   sing Y N 243 
PHE CE2 HE2  sing N N 244 
PHE CZ  HZ   sing N N 245 
PHE OXT HXT  sing N N 246 
PRO N   CA   sing N N 247 
PRO N   CD   sing N N 248 
PRO N   H    sing N N 249 
PRO CA  C    sing N N 250 
PRO CA  CB   sing N N 251 
PRO CA  HA   sing N N 252 
PRO C   O    doub N N 253 
PRO C   OXT  sing N N 254 
PRO CB  CG   sing N N 255 
PRO CB  HB2  sing N N 256 
PRO CB  HB3  sing N N 257 
PRO CG  CD   sing N N 258 
PRO CG  HG2  sing N N 259 
PRO CG  HG3  sing N N 260 
PRO CD  HD2  sing N N 261 
PRO CD  HD3  sing N N 262 
PRO OXT HXT  sing N N 263 
SER N   CA   sing N N 264 
SER N   H    sing N N 265 
SER N   H2   sing N N 266 
SER CA  C    sing N N 267 
SER CA  CB   sing N N 268 
SER CA  HA   sing N N 269 
SER C   O    doub N N 270 
SER C   OXT  sing N N 271 
SER CB  OG   sing N N 272 
SER CB  HB2  sing N N 273 
SER CB  HB3  sing N N 274 
SER OG  HG   sing N N 275 
SER OXT HXT  sing N N 276 
THR N   CA   sing N N 277 
THR N   H    sing N N 278 
THR N   H2   sing N N 279 
THR CA  C    sing N N 280 
THR CA  CB   sing N N 281 
THR CA  HA   sing N N 282 
THR C   O    doub N N 283 
THR C   OXT  sing N N 284 
THR CB  OG1  sing N N 285 
THR CB  CG2  sing N N 286 
THR CB  HB   sing N N 287 
THR OG1 HG1  sing N N 288 
THR CG2 HG21 sing N N 289 
THR CG2 HG22 sing N N 290 
THR CG2 HG23 sing N N 291 
THR OXT HXT  sing N N 292 
TYR N   CA   sing N N 293 
TYR N   H    sing N N 294 
TYR N   H2   sing N N 295 
TYR CA  C    sing N N 296 
TYR CA  CB   sing N N 297 
TYR CA  HA   sing N N 298 
TYR C   O    doub N N 299 
TYR C   OXT  sing N N 300 
TYR CB  CG   sing N N 301 
TYR CB  HB2  sing N N 302 
TYR CB  HB3  sing N N 303 
TYR CG  CD1  doub Y N 304 
TYR CG  CD2  sing Y N 305 
TYR CD1 CE1  sing Y N 306 
TYR CD1 HD1  sing N N 307 
TYR CD2 CE2  doub Y N 308 
TYR CD2 HD2  sing N N 309 
TYR CE1 CZ   doub Y N 310 
TYR CE1 HE1  sing N N 311 
TYR CE2 CZ   sing Y N 312 
TYR CE2 HE2  sing N N 313 
TYR CZ  OH   sing N N 314 
TYR OH  HH   sing N N 315 
TYR OXT HXT  sing N N 316 
VAL N   CA   sing N N 317 
VAL N   H    sing N N 318 
VAL N   H2   sing N N 319 
VAL CA  C    sing N N 320 
VAL CA  CB   sing N N 321 
VAL CA  HA   sing N N 322 
VAL C   O    doub N N 323 
VAL C   OXT  sing N N 324 
VAL CB  CG1  sing N N 325 
VAL CB  CG2  sing N N 326 
VAL CB  HB   sing N N 327 
VAL CG1 HG11 sing N N 328 
VAL CG1 HG12 sing N N 329 
VAL CG1 HG13 sing N N 330 
VAL CG2 HG21 sing N N 331 
VAL CG2 HG22 sing N N 332 
VAL CG2 HG23 sing N N 333 
VAL OXT HXT  sing N N 334 
# 
_atom_sites.entry_id                    1NFJ 
_atom_sites.fract_transf_matrix[1][1]   -0.01596765 
_atom_sites.fract_transf_matrix[1][2]   0.01629889 
_atom_sites.fract_transf_matrix[1][3]   -0.01878506 
_atom_sites.fract_transf_matrix[2][1]   0.01340591 
_atom_sites.fract_transf_matrix[2][2]   0.01172027 
_atom_sites.fract_transf_matrix[2][3]   -0.00122617 
_atom_sites.fract_transf_matrix[3][1]   0.00420377 
_atom_sites.fract_transf_matrix[3][2]   -0.00569957 
_atom_sites.fract_transf_matrix[3][3]   -0.00851853 
_atom_sites.fract_transf_vector[1]      0.156649 
_atom_sites.fract_transf_vector[2]      0.406321 
_atom_sites.fract_transf_vector[3]      0.163277 
# 
loop_
_atom_type.symbol 
C 
N 
O 
S 
# 
loop_
_atom_site.group_PDB 
_atom_site.id 
_atom_site.type_symbol 
_atom_site.label_atom_id 
_atom_site.label_alt_id 
_atom_site.label_comp_id 
_atom_site.label_asym_id 
_atom_site.label_entity_id 
_atom_site.label_seq_id 
_atom_site.pdbx_PDB_ins_code 
_atom_site.Cartn_x 
_atom_site.Cartn_y 
_atom_site.Cartn_z 
_atom_site.occupancy 
_atom_site.B_iso_or_equiv 
_atom_site.pdbx_formal_charge 
_atom_site.auth_seq_id 
_atom_site.auth_comp_id 
_atom_site.auth_asym_id 
_atom_site.auth_atom_id 
_atom_site.pdbx_PDB_model_num 
ATOM   1   N N   . GLU A 1 3  ? -3.029  -8.147  11.663  1.00 46.11 ? 3   GLU A N   1 
ATOM   2   C CA  . GLU A 1 3  ? -2.763  -7.191  10.608  1.00 42.64 ? 3   GLU A CA  1 
ATOM   3   C C   . GLU A 1 3  ? -3.787  -6.381  9.853   1.00 38.34 ? 3   GLU A C   1 
ATOM   4   O O   . GLU A 1 3  ? -4.837  -6.828  9.363   1.00 38.39 ? 3   GLU A O   1 
ATOM   5   C CB  . GLU A 1 3  ? -1.956  -7.935  9.568   1.00 44.99 ? 3   GLU A CB  1 
ATOM   6   C CG  . GLU A 1 3  ? -1.238  -7.013  8.598   1.00 49.68 ? 3   GLU A CG  1 
ATOM   7   C CD  . GLU A 1 3  ? -0.675  -7.749  7.412   1.00 53.24 ? 3   GLU A CD  1 
ATOM   8   O OE1 . GLU A 1 3  ? -0.934  -8.963  7.278   1.00 53.42 ? 3   GLU A OE1 1 
ATOM   9   O OE2 . GLU A 1 3  ? 0.053   -7.103  6.611   1.00 54.99 ? 3   GLU A OE2 1 
ATOM   10  N N   . HIS A 1 4  ? -3.334  -5.123  9.779   1.00 32.99 ? 4   HIS A N   1 
ATOM   11  C CA  . HIS A 1 4  ? -3.995  -3.984  9.151   1.00 31.47 ? 4   HIS A CA  1 
ATOM   12  C C   . HIS A 1 4  ? -3.485  -3.784  7.731   1.00 27.42 ? 4   HIS A C   1 
ATOM   13  O O   . HIS A 1 4  ? -2.279  -3.768  7.467   1.00 24.77 ? 4   HIS A O   1 
ATOM   14  C CB  . HIS A 1 4  ? -3.740  -2.685  9.946   1.00 34.91 ? 4   HIS A CB  1 
ATOM   15  C CG  . HIS A 1 4  ? -4.252  -2.731  11.406  1.00 39.96 ? 4   HIS A CG  1 
ATOM   16  N ND1 . HIS A 1 4  ? -5.594  -2.718  11.725  1.00 41.46 ? 4   HIS A ND1 1 
ATOM   17  C CD2 . HIS A 1 4  ? -3.586  -2.787  12.583  1.00 42.52 ? 4   HIS A CD2 1 
ATOM   18  C CE1 . HIS A 1 4  ? -5.731  -2.764  13.039  1.00 43.36 ? 4   HIS A CE1 1 
ATOM   19  N NE2 . HIS A 1 4  ? -4.528  -2.806  13.582  1.00 44.57 ? 4   HIS A NE2 1 
ATOM   20  N N   . VAL A 1 5  ? -4.434  -3.659  6.809   1.00 24.16 ? 5   VAL A N   1 
ATOM   21  C CA  . VAL A 1 5  ? -4.114  -3.448  5.400   1.00 23.64 ? 5   VAL A CA  1 
ATOM   22  C C   . VAL A 1 5  ? -4.769  -2.212  4.792   1.00 24.70 ? 5   VAL A C   1 
ATOM   23  O O   . VAL A 1 5  ? -5.955  -1.944  5.011   1.00 25.61 ? 5   VAL A O   1 
ATOM   24  C CB  . VAL A 1 5  ? -4.545  -4.657  4.536   1.00 23.62 ? 5   VAL A CB  1 
ATOM   25  C CG1 . VAL A 1 5  ? -4.223  -4.411  3.076   1.00 22.47 ? 5   VAL A CG1 1 
ATOM   26  C CG2 . VAL A 1 5  ? -3.866  -5.927  5.024   1.00 19.45 ? 5   VAL A CG2 1 
ATOM   27  N N   . VAL A 1 6  ? -3.985  -1.474  4.014   1.00 23.11 ? 6   VAL A N   1 
ATOM   28  C CA  . VAL A 1 6  ? -4.474  -0.277  3.340   1.00 22.96 ? 6   VAL A CA  1 
ATOM   29  C C   . VAL A 1 6  ? -4.297  -0.454  1.841   1.00 22.16 ? 6   VAL A C   1 
ATOM   30  O O   . VAL A 1 6  ? -3.171  -0.502  1.352   1.00 19.86 ? 6   VAL A O   1 
ATOM   31  C CB  . VAL A 1 6  ? -3.696  0.979   3.787   1.00 21.63 ? 6   VAL A CB  1 
ATOM   32  C CG1 . VAL A 1 6  ? -4.090  2.174   2.920   1.00 20.98 ? 6   VAL A CG1 1 
ATOM   33  C CG2 . VAL A 1 6  ? -3.989  1.266   5.262   1.00 21.48 ? 6   VAL A CG2 1 
ATOM   34  N N   . TYR A 1 7  ? -5.411  -0.572  1.118   1.00 23.38 ? 7   TYR A N   1 
ATOM   35  C CA  . TYR A 1 7  ? -5.355  -0.731  -0.332  1.00 23.65 ? 7   TYR A CA  1 
ATOM   36  C C   . TYR A 1 7  ? -5.318  0.633   -1.000  1.00 24.32 ? 7   TYR A C   1 
ATOM   37  O O   . TYR A 1 7  ? -6.190  1.473   -0.770  1.00 25.22 ? 7   TYR A O   1 
ATOM   38  C CB  . TYR A 1 7  ? -6.562  -1.511  -0.845  1.00 27.00 ? 7   TYR A CB  1 
ATOM   39  C CG  . TYR A 1 7  ? -6.483  -2.987  -0.570  1.00 28.76 ? 7   TYR A CG  1 
ATOM   40  C CD1 . TYR A 1 7  ? -6.769  -3.496  0.697   1.00 30.09 ? 7   TYR A CD1 1 
ATOM   41  C CD2 . TYR A 1 7  ? -6.095  -3.878  -1.569  1.00 31.11 ? 7   TYR A CD2 1 
ATOM   42  C CE1 . TYR A 1 7  ? -6.669  -4.859  0.965   1.00 31.40 ? 7   TYR A CE1 1 
ATOM   43  C CE2 . TYR A 1 7  ? -5.989  -5.247  -1.311  1.00 30.78 ? 7   TYR A CE2 1 
ATOM   44  C CZ  . TYR A 1 7  ? -6.277  -5.728  -0.042  1.00 32.00 ? 7   TYR A CZ  1 
ATOM   45  O OH  . TYR A 1 7  ? -6.159  -7.071  0.228   1.00 32.00 ? 7   TYR A OH  1 
ATOM   46  N N   . VAL A 1 8  ? -4.302  0.847   -1.828  1.00 23.15 ? 8   VAL A N   1 
ATOM   47  C CA  . VAL A 1 8  ? -4.119  2.118   -2.518  1.00 22.43 ? 8   VAL A CA  1 
ATOM   48  C C   . VAL A 1 8  ? -4.724  2.087   -3.915  1.00 23.44 ? 8   VAL A C   1 
ATOM   49  O O   . VAL A 1 8  ? -4.373  1.240   -4.749  1.00 23.09 ? 8   VAL A O   1 
ATOM   50  C CB  . VAL A 1 8  ? -2.614  2.473   -2.606  1.00 19.84 ? 8   VAL A CB  1 
ATOM   51  C CG1 . VAL A 1 8  ? -2.416  3.793   -3.341  1.00 18.43 ? 8   VAL A CG1 1 
ATOM   52  C CG2 . VAL A 1 8  ? -2.028  2.563   -1.200  1.00 19.40 ? 8   VAL A CG2 1 
ATOM   53  N N   . GLY A 1 9  ? -5.631  3.024   -4.167  1.00 24.63 ? 9   GLY A N   1 
ATOM   54  C CA  . GLY A 1 9  ? -6.279  3.102   -5.460  1.00 27.26 ? 9   GLY A CA  1 
ATOM   55  C C   . GLY A 1 9  ? -5.937  4.373   -6.209  1.00 29.58 ? 9   GLY A C   1 
ATOM   56  O O   . GLY A 1 9  ? -4.785  4.807   -6.219  1.00 30.48 ? 9   GLY A O   1 
ATOM   57  N N   . ASN A 1 10 ? -6.945  4.982   -6.827  1.00 32.06 ? 10  ASN A N   1 
ATOM   58  C CA  . ASN A 1 10 ? -6.745  6.202   -7.602  1.00 34.94 ? 10  ASN A CA  1 
ATOM   59  C C   . ASN A 1 10 ? -7.114  7.497   -6.880  1.00 34.84 ? 10  ASN A C   1 
ATOM   60  O O   . ASN A 1 10 ? -6.989  8.586   -7.438  1.00 34.29 ? 10  ASN A O   1 
ATOM   61  C CB  . ASN A 1 10 ? -7.513  6.101   -8.928  1.00 38.45 ? 10  ASN A CB  1 
ATOM   62  C CG  . ASN A 1 10 ? -8.157  4.740   -9.130  1.00 42.36 ? 10  ASN A CG  1 
ATOM   63  O OD1 . ASN A 1 10 ? -7.984  4.107   -10.173 1.00 46.12 ? 10  ASN A OD1 1 
ATOM   64  N ND2 . ASN A 1 10 ? -8.909  4.286   -8.134  1.00 44.48 ? 10  ASN A ND2 1 
ATOM   65  N N   . LYS A 1 11 ? -7.556  7.385   -5.637  1.00 33.69 ? 11  LYS A N   1 
ATOM   66  C CA  . LYS A 1 11 ? -7.924  8.567   -4.873  1.00 33.52 ? 11  LYS A CA  1 
ATOM   67  C C   . LYS A 1 11 ? -6.655  9.364   -4.564  1.00 32.35 ? 11  LYS A C   1 
ATOM   68  O O   . LYS A 1 11 ? -5.543  8.875   -4.762  1.00 31.84 ? 11  LYS A O   1 
ATOM   69  C CB  . LYS A 1 11 ? -8.638  8.130   -3.594  1.00 35.63 ? 11  LYS A CB  1 
ATOM   70  C CG  . LYS A 1 11 ? -9.846  7.244   -3.889  1.00 37.75 ? 11  LYS A CG  1 
ATOM   71  C CD  . LYS A 1 11 ? -10.363 6.488   -2.672  1.00 40.15 ? 11  LYS A CD  1 
ATOM   72  C CE  . LYS A 1 11 ? -11.047 7.401   -1.674  1.00 40.55 ? 11  LYS A CE  1 
ATOM   73  N NZ  . LYS A 1 11 ? -11.677 6.615   -0.571  1.00 44.52 ? 11  LYS A NZ  1 
ATOM   74  N N   . PRO A 1 12 ? -6.799  10.620  -4.116  1.00 30.57 ? 12  PRO A N   1 
ATOM   75  C CA  . PRO A 1 12 ? -5.598  11.401  -3.808  1.00 29.11 ? 12  PRO A CA  1 
ATOM   76  C C   . PRO A 1 12 ? -4.701  10.641  -2.838  1.00 28.30 ? 12  PRO A C   1 
ATOM   77  O O   . PRO A 1 12 ? -5.183  9.863   -2.016  1.00 26.91 ? 12  PRO A O   1 
ATOM   78  C CB  . PRO A 1 12 ? -6.168  12.679  -3.203  1.00 29.00 ? 12  PRO A CB  1 
ATOM   79  C CG  . PRO A 1 12 ? -7.429  12.863  -3.994  1.00 29.81 ? 12  PRO A CG  1 
ATOM   80  C CD  . PRO A 1 12 ? -8.009  11.458  -4.028  1.00 29.50 ? 12  PRO A CD  1 
ATOM   81  N N   . VAL A 1 13 ? -3.396  10.866  -2.938  1.00 25.29 ? 13  VAL A N   1 
ATOM   82  C CA  . VAL A 1 13 ? -2.433  10.186  -2.075  1.00 25.04 ? 13  VAL A CA  1 
ATOM   83  C C   . VAL A 1 13 ? -2.689  10.423  -0.583  1.00 24.54 ? 13  VAL A C   1 
ATOM   84  O O   . VAL A 1 13 ? -2.514  9.514   0.239   1.00 21.26 ? 13  VAL A O   1 
ATOM   85  C CB  . VAL A 1 13 ? -0.986  10.635  -2.425  1.00 25.77 ? 13  VAL A CB  1 
ATOM   86  C CG1 . VAL A 1 13 ? 0.039   9.815   -1.655  1.00 25.96 ? 13  VAL A CG1 1 
ATOM   87  C CG2 . VAL A 1 13 ? -0.760  10.492  -3.914  1.00 27.67 ? 13  VAL A CG2 1 
ATOM   88  N N   . MET A 1 14 ? -3.115  11.636  -0.234  1.00 22.52 ? 14  MET A N   1 
ATOM   89  C CA  . MET A 1 14 ? -3.370  11.987  1.165   1.00 24.72 ? 14  MET A CA  1 
ATOM   90  C C   . MET A 1 14 ? -4.426  11.128  1.860   1.00 23.15 ? 14  MET A C   1 
ATOM   91  O O   . MET A 1 14 ? -4.375  10.942  3.076   1.00 23.07 ? 14  MET A O   1 
ATOM   92  C CB  . MET A 1 14 ? -3.765  13.461  1.277   1.00 25.82 ? 14  MET A CB  1 
ATOM   93  C CG  . MET A 1 14 ? -3.917  13.967  2.711   1.00 29.89 ? 14  MET A CG  1 
ATOM   94  S SD  . MET A 1 14 ? -2.466  13.659  3.765   1.00 35.56 ? 14  MET A SD  1 
ATOM   95  C CE  . MET A 1 14 ? -1.106  14.161  2.662   1.00 32.69 ? 14  MET A CE  1 
ATOM   96  N N   . ASN A 1 15 ? -5.387  10.613  1.101   1.00 22.60 ? 15  ASN A N   1 
ATOM   97  C CA  . ASN A 1 15 ? -6.425  9.780   1.687   1.00 23.47 ? 15  ASN A CA  1 
ATOM   98  C C   . ASN A 1 15 ? -5.796  8.515   2.261   1.00 23.71 ? 15  ASN A C   1 
ATOM   99  O O   . ASN A 1 15 ? -6.166  8.058   3.350   1.00 20.48 ? 15  ASN A O   1 
ATOM   100 C CB  . ASN A 1 15 ? -7.459  9.379   0.639   1.00 26.45 ? 15  ASN A CB  1 
ATOM   101 C CG  . ASN A 1 15 ? -8.151  10.568  0.011   1.00 30.71 ? 15  ASN A CG  1 
ATOM   102 O OD1 . ASN A 1 15 ? -9.312  10.478  -0.385  1.00 31.87 ? 15  ASN A OD1 1 
ATOM   103 N ND2 . ASN A 1 15 ? -7.443  11.683  -0.098  1.00 31.11 ? 15  ASN A ND2 1 
ATOM   104 N N   . TYR A 1 16 ? -4.836  7.960   1.519   1.00 21.50 ? 16  TYR A N   1 
ATOM   105 C CA  . TYR A 1 16 ? -4.175  6.726   1.922   1.00 20.75 ? 16  TYR A CA  1 
ATOM   106 C C   . TYR A 1 16 ? -3.138  6.951   3.004   1.00 20.48 ? 16  TYR A C   1 
ATOM   107 O O   . TYR A 1 16 ? -2.880  6.057   3.824   1.00 19.46 ? 16  TYR A O   1 
ATOM   108 C CB  . TYR A 1 16 ? -3.559  6.053   0.697   1.00 19.53 ? 16  TYR A CB  1 
ATOM   109 C CG  . TYR A 1 16 ? -4.563  5.853   -0.417  1.00 23.07 ? 16  TYR A CG  1 
ATOM   110 C CD1 . TYR A 1 16 ? -4.488  6.602   -1.593  1.00 22.67 ? 16  TYR A CD1 1 
ATOM   111 C CD2 . TYR A 1 16 ? -5.613  4.943   -0.282  1.00 24.37 ? 16  TYR A CD2 1 
ATOM   112 C CE1 . TYR A 1 16 ? -5.429  6.451   -2.603  1.00 23.47 ? 16  TYR A CE1 1 
ATOM   113 C CE2 . TYR A 1 16 ? -6.563  4.785   -1.287  1.00 24.48 ? 16  TYR A CE2 1 
ATOM   114 C CZ  . TYR A 1 16 ? -6.464  5.541   -2.445  1.00 24.52 ? 16  TYR A CZ  1 
ATOM   115 O OH  . TYR A 1 16 ? -7.389  5.379   -3.444  1.00 29.31 ? 16  TYR A OH  1 
ATOM   116 N N   . VAL A 1 17 ? -2.539  8.140   3.006   1.00 18.11 ? 17  VAL A N   1 
ATOM   117 C CA  . VAL A 1 17 ? -1.553  8.498   4.033   1.00 16.22 ? 17  VAL A CA  1 
ATOM   118 C C   . VAL A 1 17 ? -2.290  8.586   5.379   1.00 16.17 ? 17  VAL A C   1 
ATOM   119 O O   . VAL A 1 17 ? -1.849  8.042   6.396   1.00 14.60 ? 17  VAL A O   1 
ATOM   120 C CB  . VAL A 1 17 ? -0.902  9.866   3.716   1.00 17.23 ? 17  VAL A CB  1 
ATOM   121 C CG1 . VAL A 1 17 ? -0.076  10.335  4.894   1.00 16.32 ? 17  VAL A CG1 1 
ATOM   122 C CG2 . VAL A 1 17 ? -0.022  9.741   2.472   1.00 16.83 ? 17  VAL A CG2 1 
ATOM   123 N N   . LEU A 1 18 ? -3.431  9.264   5.378   1.00 15.33 ? 18  LEU A N   1 
ATOM   124 C CA  . LEU A 1 18 ? -4.217  9.401   6.605   1.00 17.06 ? 18  LEU A CA  1 
ATOM   125 C C   . LEU A 1 18 ? -4.704  8.037   7.099   1.00 17.21 ? 18  LEU A C   1 
ATOM   126 O O   . LEU A 1 18 ? -4.603  7.721   8.282   1.00 16.28 ? 18  LEU A O   1 
ATOM   127 C CB  . LEU A 1 18 ? -5.409  10.318  6.360   1.00 16.88 ? 18  LEU A CB  1 
ATOM   128 C CG  . LEU A 1 18 ? -5.075  11.788  6.084   1.00 16.13 ? 18  LEU A CG  1 
ATOM   129 C CD1 . LEU A 1 18 ? -6.333  12.543  5.760   1.00 17.74 ? 18  LEU A CD1 1 
ATOM   130 C CD2 . LEU A 1 18 ? -4.388  12.396  7.293   1.00 18.03 ? 18  LEU A CD2 1 
ATOM   131 N N   . ALA A 1 19 ? -5.213  7.225   6.182   1.00 18.27 ? 19  ALA A N   1 
ATOM   132 C CA  . ALA A 1 19 ? -5.703  5.898   6.540   1.00 19.75 ? 19  ALA A CA  1 
ATOM   133 C C   . ALA A 1 19 ? -4.565  5.128   7.202   1.00 20.35 ? 19  ALA A C   1 
ATOM   134 O O   . ALA A 1 19 ? -4.752  4.465   8.225   1.00 19.36 ? 19  ALA A O   1 
ATOM   135 C CB  . ALA A 1 19 ? -6.188  5.168   5.291   1.00 20.71 ? 19  ALA A CB  1 
ATOM   136 N N   . THR A 1 20 ? -3.377  5.239   6.619   1.00 19.81 ? 20  THR A N   1 
ATOM   137 C CA  . THR A 1 20 ? -2.193  4.560   7.141   1.00 19.73 ? 20  THR A CA  1 
ATOM   138 C C   . THR A 1 20 ? -1.827  5.108   8.523   1.00 20.80 ? 20  THR A C   1 
ATOM   139 O O   . THR A 1 20 ? -1.621  4.351   9.474   1.00 20.78 ? 20  THR A O   1 
ATOM   140 C CB  . THR A 1 20 ? -0.999  4.726   6.171   1.00 18.78 ? 20  THR A CB  1 
ATOM   141 O OG1 . THR A 1 20 ? -1.332  4.128   4.906   1.00 17.28 ? 20  THR A OG1 1 
ATOM   142 C CG2 . THR A 1 20 ? 0.259   4.060   6.731   1.00 17.32 ? 20  THR A CG2 1 
ATOM   143 N N   . LEU A 1 21 ? -1.747  6.427   8.630   1.00 20.66 ? 21  LEU A N   1 
ATOM   144 C CA  . LEU A 1 21 ? -1.429  7.061   9.901   1.00 20.06 ? 21  LEU A CA  1 
ATOM   145 C C   . LEU A 1 21 ? -2.480  6.700   10.947  1.00 20.25 ? 21  LEU A C   1 
ATOM   146 O O   . LEU A 1 21 ? -2.150  6.468   12.114  1.00 19.60 ? 21  LEU A O   1 
ATOM   147 C CB  . LEU A 1 21 ? -1.382  8.575   9.735   1.00 20.28 ? 21  LEU A CB  1 
ATOM   148 C CG  . LEU A 1 21 ? -0.200  9.102   8.925   1.00 20.72 ? 21  LEU A CG  1 
ATOM   149 C CD1 . LEU A 1 21 ? -0.387  10.574  8.669   1.00 21.98 ? 21  LEU A CD1 1 
ATOM   150 C CD2 . LEU A 1 21 ? 1.098   8.846   9.670   1.00 22.49 ? 21  LEU A CD2 1 
ATOM   151 N N   . THR A 1 22 ? -3.746  6.667   10.534  1.00 19.48 ? 22  THR A N   1 
ATOM   152 C CA  . THR A 1 22 ? -4.834  6.336   11.458  1.00 20.75 ? 22  THR A CA  1 
ATOM   153 C C   . THR A 1 22 ? -4.591  4.995   12.150  1.00 22.65 ? 22  THR A C   1 
ATOM   154 O O   . THR A 1 22 ? -4.641  4.900   13.381  1.00 24.27 ? 22  THR A O   1 
ATOM   155 C CB  . THR A 1 22 ? -6.185  6.292   10.725  1.00 20.39 ? 22  THR A CB  1 
ATOM   156 O OG1 . THR A 1 22 ? -6.586  7.628   10.400  1.00 18.82 ? 22  THR A OG1 1 
ATOM   157 C CG2 . THR A 1 22 ? -7.261  5.635   11.601  1.00 20.57 ? 22  THR A CG2 1 
ATOM   158 N N   . GLN A 1 23 ? -4.318  3.964   11.355  1.00 22.65 ? 23  GLN A N   1 
ATOM   159 C CA  . GLN A 1 23 ? -4.057  2.635   11.895  1.00 24.18 ? 23  GLN A CA  1 
ATOM   160 C C   . GLN A 1 23 ? -2.872  2.655   12.854  1.00 24.88 ? 23  GLN A C   1 
ATOM   161 O O   . GLN A 1 23 ? -2.962  2.125   13.961  1.00 24.72 ? 23  GLN A O   1 
ATOM   162 C CB  . GLN A 1 23 ? -3.788  1.638   10.760  1.00 26.06 ? 23  GLN A CB  1 
ATOM   163 C CG  . GLN A 1 23 ? -4.967  1.455   9.823   1.00 30.33 ? 23  GLN A CG  1 
ATOM   164 C CD  . GLN A 1 23 ? -6.218  1.001   10.554  1.00 33.91 ? 23  GLN A CD  1 
ATOM   165 O OE1 . GLN A 1 23 ? -7.316  1.507   10.307  1.00 36.46 ? 23  GLN A OE1 1 
ATOM   166 N NE2 . GLN A 1 23 ? -6.062  0.037   11.456  1.00 34.59 ? 23  GLN A NE2 1 
ATOM   167 N N   . LEU A 1 24 ? -1.763  3.265   12.435  1.00 23.70 ? 24  LEU A N   1 
ATOM   168 C CA  . LEU A 1 24 ? -0.572  3.338   13.284  1.00 25.68 ? 24  LEU A CA  1 
ATOM   169 C C   . LEU A 1 24 ? -0.871  4.065   14.604  1.00 28.09 ? 24  LEU A C   1 
ATOM   170 O O   . LEU A 1 24 ? -0.272  3.769   15.636  1.00 28.44 ? 24  LEU A O   1 
ATOM   171 C CB  . LEU A 1 24 ? 0.564   4.052   12.551  1.00 24.54 ? 24  LEU A CB  1 
ATOM   172 C CG  . LEU A 1 24 ? 1.196   3.313   11.371  1.00 23.45 ? 24  LEU A CG  1 
ATOM   173 C CD1 . LEU A 1 24 ? 2.123   4.238   10.621  1.00 20.96 ? 24  LEU A CD1 1 
ATOM   174 C CD2 . LEU A 1 24 ? 1.950   2.096   11.882  1.00 24.42 ? 24  LEU A CD2 1 
ATOM   175 N N   . ASN A 1 25 ? -1.804  5.011   14.561  1.00 30.33 ? 25  ASN A N   1 
ATOM   176 C CA  . ASN A 1 25 ? -2.182  5.780   15.746  1.00 32.85 ? 25  ASN A CA  1 
ATOM   177 C C   . ASN A 1 25 ? -3.331  5.136   16.505  1.00 35.43 ? 25  ASN A C   1 
ATOM   178 O O   . ASN A 1 25 ? -3.698  5.590   17.587  1.00 36.20 ? 25  ASN A O   1 
ATOM   179 C CB  . ASN A 1 25 ? -2.598  7.194   15.341  1.00 31.98 ? 25  ASN A CB  1 
ATOM   180 C CG  . ASN A 1 25 ? -1.418  8.098   15.081  1.00 32.22 ? 25  ASN A CG  1 
ATOM   181 O OD1 . ASN A 1 25 ? -0.806  8.615   16.014  1.00 33.78 ? 25  ASN A OD1 1 
ATOM   182 N ND2 . ASN A 1 25 ? -1.083  8.287   13.810  1.00 32.92 ? 25  ASN A ND2 1 
ATOM   183 N N   . GLU A 1 26 ? -3.897  4.081   15.939  1.00 38.09 ? 26  GLU A N   1 
ATOM   184 C CA  . GLU A 1 26 ? -5.030  3.415   16.561  1.00 40.10 ? 26  GLU A CA  1 
ATOM   185 C C   . GLU A 1 26 ? -4.706  2.036   17.130  1.00 41.15 ? 26  GLU A C   1 
ATOM   186 O O   . GLU A 1 26 ? -5.589  1.183   17.229  1.00 41.74 ? 26  GLU A O   1 
ATOM   187 C CB  . GLU A 1 26 ? -6.174  3.300   15.549  1.00 42.11 ? 26  GLU A CB  1 
ATOM   188 C CG  . GLU A 1 26 ? -7.556  3.496   16.144  1.00 45.58 ? 26  GLU A CG  1 
ATOM   189 C CD  . GLU A 1 26 ? -7.731  4.872   16.762  1.00 47.93 ? 26  GLU A CD  1 
ATOM   190 O OE1 . GLU A 1 26 ? -7.568  5.877   16.039  1.00 49.42 ? 26  GLU A OE1 1 
ATOM   191 O OE2 . GLU A 1 26 ? -8.032  4.951   17.973  1.00 47.99 ? 26  GLU A OE2 1 
ATOM   192 N N   . GLY A 1 27 ? -3.448  1.814   17.493  1.00 41.21 ? 27  GLY A N   1 
ATOM   193 C CA  . GLY A 1 27 ? -3.072  0.537   18.074  1.00 41.89 ? 27  GLY A CA  1 
ATOM   194 C C   . GLY A 1 27 ? -2.437  -0.502  17.165  1.00 42.18 ? 27  GLY A C   1 
ATOM   195 O O   . GLY A 1 27 ? -2.446  -1.688  17.494  1.00 42.37 ? 27  GLY A O   1 
ATOM   196 N N   . ALA A 1 28 ? -1.888  -0.073  16.033  1.00 40.83 ? 28  ALA A N   1 
ATOM   197 C CA  . ALA A 1 28 ? -1.243  -0.995  15.104  1.00 40.54 ? 28  ALA A CA  1 
ATOM   198 C C   . ALA A 1 28 ? 0.261   -0.755  15.088  1.00 41.08 ? 28  ALA A C   1 
ATOM   199 O O   . ALA A 1 28 ? 0.716   0.377   14.903  1.00 41.69 ? 28  ALA A O   1 
ATOM   200 C CB  . ALA A 1 28 ? -1.814  -0.821  13.701  1.00 40.09 ? 28  ALA A CB  1 
ATOM   201 N N   . ASP A 1 29 ? 1.032   -1.818  15.290  1.00 40.93 ? 29  ASP A N   1 
ATOM   202 C CA  . ASP A 1 29 ? 2.484   -1.707  15.291  1.00 40.31 ? 29  ASP A CA  1 
ATOM   203 C C   . ASP A 1 29 ? 3.032   -1.849  13.877  1.00 38.63 ? 29  ASP A C   1 
ATOM   204 O O   . ASP A 1 29 ? 4.168   -1.458  13.596  1.00 38.40 ? 29  ASP A O   1 
ATOM   205 C CB  . ASP A 1 29 ? 3.094   -2.777  16.195  1.00 43.35 ? 29  ASP A CB  1 
ATOM   206 C CG  . ASP A 1 29 ? 2.931   -2.455  17.666  1.00 46.76 ? 29  ASP A CG  1 
ATOM   207 O OD1 . ASP A 1 29 ? 1.781   -2.264  18.115  1.00 49.78 ? 29  ASP A OD1 1 
ATOM   208 O OD2 . ASP A 1 29 ? 3.957   -2.393  18.374  1.00 49.49 ? 29  ASP A OD2 1 
ATOM   209 N N   . GLU A 1 30 ? 2.209   -2.413  12.997  1.00 35.54 ? 30  GLU A N   1 
ATOM   210 C CA  . GLU A 1 30 ? 2.566   -2.629  11.599  1.00 33.49 ? 30  GLU A CA  1 
ATOM   211 C C   . GLU A 1 30 ? 1.361   -2.401  10.699  1.00 29.61 ? 30  GLU A C   1 
ATOM   212 O O   . GLU A 1 30 ? 0.224   -2.614  11.113  1.00 29.38 ? 30  GLU A O   1 
ATOM   213 C CB  . GLU A 1 30 ? 3.051   -4.058  11.388  1.00 35.30 ? 30  GLU A CB  1 
ATOM   214 C CG  . GLU A 1 30 ? 4.485   -4.300  11.759  1.00 39.13 ? 30  GLU A CG  1 
ATOM   215 C CD  . GLU A 1 30 ? 4.841   -5.766  11.687  1.00 40.68 ? 30  GLU A CD  1 
ATOM   216 O OE1 . GLU A 1 30 ? 4.464   -6.427  10.694  1.00 43.57 ? 30  GLU A OE1 1 
ATOM   217 O OE2 . GLU A 1 30 ? 5.502   -6.259  12.622  1.00 42.62 ? 30  GLU A OE2 1 
ATOM   218 N N   . VAL A 1 31 ? 1.620   -1.976  9.466   1.00 25.21 ? 31  VAL A N   1 
ATOM   219 C CA  . VAL A 1 31 ? 0.557   -1.746  8.491   1.00 21.77 ? 31  VAL A CA  1 
ATOM   220 C C   . VAL A 1 31 ? 1.070   -2.140  7.113   1.00 20.21 ? 31  VAL A C   1 
ATOM   221 O O   . VAL A 1 31 ? 2.214   -1.842  6.763   1.00 19.57 ? 31  VAL A O   1 
ATOM   222 C CB  . VAL A 1 31 ? 0.123   -0.275  8.470   1.00 23.09 ? 31  VAL A CB  1 
ATOM   223 C CG1 . VAL A 1 31 ? -0.857  -0.035  7.338   1.00 24.20 ? 31  VAL A CG1 1 
ATOM   224 C CG2 . VAL A 1 31 ? -0.514  0.078   9.799   1.00 25.04 ? 31  VAL A CG2 1 
ATOM   225 N N   . VAL A 1 32 ? 0.237   -2.824  6.341   1.00 17.05 ? 32  VAL A N   1 
ATOM   226 C CA  . VAL A 1 32 ? 0.640   -3.251  5.011   1.00 19.12 ? 32  VAL A CA  1 
ATOM   227 C C   . VAL A 1 32 ? -0.050  -2.422  3.945   1.00 19.16 ? 32  VAL A C   1 
ATOM   228 O O   . VAL A 1 32 ? -1.276  -2.337  3.919   1.00 19.92 ? 32  VAL A O   1 
ATOM   229 C CB  . VAL A 1 32 ? 0.286   -4.725  4.747   1.00 20.99 ? 32  VAL A CB  1 
ATOM   230 C CG1 . VAL A 1 32 ? 0.777   -5.126  3.355   1.00 23.76 ? 32  VAL A CG1 1 
ATOM   231 C CG2 . VAL A 1 32 ? 0.903   -5.607  5.812   1.00 22.20 ? 32  VAL A CG2 1 
ATOM   232 N N   . ILE A 1 33 ? 0.740   -1.798  3.080   1.00 17.14 ? 33  ILE A N   1 
ATOM   233 C CA  . ILE A 1 33 ? 0.176   -1.001  2.001   1.00 17.41 ? 33  ILE A CA  1 
ATOM   234 C C   . ILE A 1 33 ? 0.189   -1.908  0.774   1.00 17.72 ? 33  ILE A C   1 
ATOM   235 O O   . ILE A 1 33 ? 1.220   -2.513  0.457   1.00 18.09 ? 33  ILE A O   1 
ATOM   236 C CB  . ILE A 1 33 ? 1.026   0.268   1.749   1.00 16.54 ? 33  ILE A CB  1 
ATOM   237 C CG1 . ILE A 1 33 ? 1.131   1.080   3.045   1.00 14.70 ? 33  ILE A CG1 1 
ATOM   238 C CG2 . ILE A 1 33 ? 0.389   1.125   0.657   1.00 18.66 ? 33  ILE A CG2 1 
ATOM   239 C CD1 . ILE A 1 33 ? 2.045   2.304   2.934   1.00 14.84 ? 33  ILE A CD1 1 
ATOM   240 N N   . LYS A 1 34 ? -0.956  -2.033  0.107   1.00 17.36 ? 34  LYS A N   1 
ATOM   241 C CA  . LYS A 1 34 ? -1.059  -2.890  -1.080  1.00 18.54 ? 34  LYS A CA  1 
ATOM   242 C C   . LYS A 1 34 ? -1.654  -2.112  -2.238  1.00 17.61 ? 34  LYS A C   1 
ATOM   243 O O   . LYS A 1 34 ? -2.418  -1.170  -2.032  1.00 18.02 ? 34  LYS A O   1 
ATOM   244 C CB  . LYS A 1 34 ? -1.961  -4.101  -0.804  1.00 19.56 ? 34  LYS A CB  1 
ATOM   245 C CG  . LYS A 1 34 ? -1.492  -4.979  0.352   1.00 24.72 ? 34  LYS A CG  1 
ATOM   246 C CD  . LYS A 1 34 ? -2.240  -6.312  0.397   1.00 26.99 ? 34  LYS A CD  1 
ATOM   247 C CE  . LYS A 1 34 ? -1.649  -7.227  1.472   1.00 28.56 ? 34  LYS A CE  1 
ATOM   248 N NZ  . LYS A 1 34 ? -2.007  -8.662  1.277   1.00 31.56 ? 34  LYS A NZ  1 
ATOM   249 N N   . ALA A 1 35 ? -1.321  -2.531  -3.453  1.00 16.29 ? 35  ALA A N   1 
ATOM   250 C CA  . ALA A 1 35 ? -1.833  -1.875  -4.645  1.00 17.70 ? 35  ALA A CA  1 
ATOM   251 C C   . ALA A 1 35 ? -1.501  -2.735  -5.846  1.00 17.81 ? 35  ALA A C   1 
ATOM   252 O O   . ALA A 1 35 ? -0.663  -3.630  -5.767  1.00 18.60 ? 35  ALA A O   1 
ATOM   253 C CB  . ALA A 1 35 ? -1.201  -0.493  -4.800  1.00 16.76 ? 35  ALA A CB  1 
ATOM   254 N N   . ARG A 1 36 ? -2.170  -2.469  -6.957  1.00 18.65 ? 36  ARG A N   1 
ATOM   255 C CA  . ARG A 1 36 ? -1.935  -3.230  -8.170  1.00 19.45 ? 36  ARG A CA  1 
ATOM   256 C C   . ARG A 1 36 ? -1.831  -2.270  -9.336  1.00 20.17 ? 36  ARG A C   1 
ATOM   257 O O   . ARG A 1 36 ? -2.290  -1.123  -9.259  1.00 18.94 ? 36  ARG A O   1 
ATOM   258 C CB  . ARG A 1 36 ? -3.077  -4.224  -8.395  1.00 22.53 ? 36  ARG A CB  1 
ATOM   259 C CG  . ARG A 1 36 ? -4.451  -3.588  -8.361  1.00 29.10 ? 36  ARG A CG  1 
ATOM   260 C CD  . ARG A 1 36 ? -5.552  -4.608  -8.607  1.00 35.23 ? 36  ARG A CD  1 
ATOM   261 N NE  . ARG A 1 36 ? -5.592  -5.632  -7.573  1.00 36.80 ? 36  ARG A NE  1 
ATOM   262 C CZ  . ARG A 1 36 ? -6.505  -6.595  -7.521  1.00 41.63 ? 36  ARG A CZ  1 
ATOM   263 N NH1 . ARG A 1 36 ? -7.452  -6.662  -8.447  1.00 41.51 ? 36  ARG A NH1 1 
ATOM   264 N NH2 . ARG A 1 36 ? -6.470  -7.489  -6.542  1.00 43.00 ? 36  ARG A NH2 1 
ATOM   265 N N   . GLY A 1 37 ? -1.209  -2.742  -10.408 1.00 21.39 ? 37  GLY A N   1 
ATOM   266 C CA  . GLY A 1 37 ? -1.053  -1.926  -11.589 1.00 19.44 ? 37  GLY A CA  1 
ATOM   267 C C   . GLY A 1 37 ? -0.432  -0.575  -11.313 1.00 22.03 ? 37  GLY A C   1 
ATOM   268 O O   . GLY A 1 37 ? 0.500   -0.450  -10.515 1.00 22.57 ? 37  GLY A O   1 
ATOM   269 N N   . ARG A 1 38 ? -0.970  0.438   -11.981 1.00 21.36 ? 38  ARG A N   1 
ATOM   270 C CA  . ARG A 1 38 ? -0.494  1.809   -11.876 1.00 22.27 ? 38  ARG A CA  1 
ATOM   271 C C   . ARG A 1 38 ? -0.609  2.424   -10.488 1.00 20.40 ? 38  ARG A C   1 
ATOM   272 O O   . ARG A 1 38 ? 0.024   3.441   -10.191 1.00 18.84 ? 38  ARG A O   1 
ATOM   273 C CB  . ARG A 1 38 ? -1.229  2.660   -12.909 1.00 24.97 ? 38  ARG A CB  1 
ATOM   274 C CG  . ARG A 1 38 ? -0.684  2.427   -14.312 1.00 29.33 ? 38  ARG A CG  1 
ATOM   275 C CD  . ARG A 1 38 ? -1.554  3.032   -15.401 1.00 33.87 ? 38  ARG A CD  1 
ATOM   276 N NE  . ARG A 1 38 ? -1.312  2.354   -16.672 1.00 37.25 ? 38  ARG A NE  1 
ATOM   277 C CZ  . ARG A 1 38 ? -0.337  2.675   -17.513 1.00 37.28 ? 38  ARG A CZ  1 
ATOM   278 N NH1 . ARG A 1 38 ? 0.486   3.672   -17.223 1.00 39.75 ? 38  ARG A NH1 1 
ATOM   279 N NH2 . ARG A 1 38 ? -0.180  1.994   -18.640 1.00 36.44 ? 38  ARG A NH2 1 
ATOM   280 N N   . ALA A 1 39 ? -1.405  1.797   -9.634  1.00 18.94 ? 39  ALA A N   1 
ATOM   281 C CA  . ALA A 1 39 ? -1.578  2.292   -8.273  1.00 18.20 ? 39  ALA A CA  1 
ATOM   282 C C   . ALA A 1 39 ? -0.317  1.982   -7.458  1.00 15.83 ? 39  ALA A C   1 
ATOM   283 O O   . ALA A 1 39 ? -0.095  2.562   -6.401  1.00 16.39 ? 39  ALA A O   1 
ATOM   284 C CB  . ALA A 1 39 ? -2.814  1.636   -7.625  1.00 19.86 ? 39  ALA A CB  1 
ATOM   285 N N   . ILE A 1 40 ? 0.508   1.068   -7.963  1.00 16.02 ? 40  ILE A N   1 
ATOM   286 C CA  . ILE A 1 40 ? 1.749   0.700   -7.274  1.00 16.23 ? 40  ILE A CA  1 
ATOM   287 C C   . ILE A 1 40 ? 2.577   1.957   -6.998  1.00 14.76 ? 40  ILE A C   1 
ATOM   288 O O   . ILE A 1 40 ? 3.075   2.144   -5.894  1.00 16.92 ? 40  ILE A O   1 
ATOM   289 C CB  . ILE A 1 40 ? 2.557   -0.331  -8.113  1.00 14.63 ? 40  ILE A CB  1 
ATOM   290 C CG1 . ILE A 1 40 ? 1.860   -1.691  -8.041  1.00 15.24 ? 40  ILE A CG1 1 
ATOM   291 C CG2 . ILE A 1 40 ? 3.991   -0.455  -7.596  1.00 14.76 ? 40  ILE A CG2 1 
ATOM   292 C CD1 . ILE A 1 40 ? 2.442   -2.736  -8.971  1.00 16.25 ? 40  ILE A CD1 1 
ATOM   293 N N   . SER A 1 41 ? 2.702   2.831   -7.992  1.00 14.28 ? 41  SER A N   1 
ATOM   294 C CA  . SER A 1 41 ? 3.441   4.078   -7.814  1.00 15.18 ? 41  SER A CA  1 
ATOM   295 C C   . SER A 1 41 ? 2.887   4.865   -6.632  1.00 15.10 ? 41  SER A C   1 
ATOM   296 O O   . SER A 1 41 ? 3.636   5.381   -5.804  1.00 13.87 ? 41  SER A O   1 
ATOM   297 C CB  . SER A 1 41 ? 3.336   4.961   -9.064  1.00 15.21 ? 41  SER A CB  1 
ATOM   298 O OG  . SER A 1 41 ? 4.199   4.495   -10.082 1.00 24.64 ? 41  SER A OG  1 
ATOM   299 N N   . ARG A 1 42 ? 1.569   4.978   -6.559  1.00 15.91 ? 42  ARG A N   1 
ATOM   300 C CA  . ARG A 1 42 ? 0.962   5.721   -5.462  1.00 16.58 ? 42  ARG A CA  1 
ATOM   301 C C   . ARG A 1 42 ? 1.245   5.052   -4.120  1.00 15.25 ? 42  ARG A C   1 
ATOM   302 O O   . ARG A 1 42 ? 1.470   5.730   -3.119  1.00 16.00 ? 42  ARG A O   1 
ATOM   303 C CB  . ARG A 1 42 ? -0.545  5.850   -5.675  1.00 21.17 ? 42  ARG A CB  1 
ATOM   304 C CG  . ARG A 1 42 ? -1.240  6.686   -4.619  1.00 23.28 ? 42  ARG A CG  1 
ATOM   305 C CD  . ARG A 1 42 ? -2.339  7.511   -5.249  1.00 28.38 ? 42  ARG A CD  1 
ATOM   306 N NE  . ARG A 1 42 ? -1.765  8.527   -6.123  1.00 32.68 ? 42  ARG A NE  1 
ATOM   307 C CZ  . ARG A 1 42 ? -2.462  9.288   -6.958  1.00 33.67 ? 42  ARG A CZ  1 
ATOM   308 N NH1 . ARG A 1 42 ? -3.777  9.153   -7.043  1.00 34.29 ? 42  ARG A NH1 1 
ATOM   309 N NH2 . ARG A 1 42 ? -1.838  10.184  -7.710  1.00 33.43 ? 42  ARG A NH2 1 
ATOM   310 N N   . ALA A 1 43 ? 1.239   3.724   -4.101  1.00 15.40 ? 43  ALA A N   1 
ATOM   311 C CA  . ALA A 1 43 ? 1.502   2.982   -2.872  1.00 14.19 ? 43  ALA A CA  1 
ATOM   312 C C   . ALA A 1 43 ? 2.862   3.358   -2.302  1.00 14.79 ? 43  ALA A C   1 
ATOM   313 O O   . ALA A 1 43 ? 3.003   3.555   -1.093  1.00 15.75 ? 43  ALA A O   1 
ATOM   314 C CB  . ALA A 1 43 ? 1.453   1.486   -3.140  1.00 11.86 ? 43  ALA A CB  1 
ATOM   315 N N   . VAL A 1 44 ? 3.872   3.426   -3.167  1.00 15.36 ? 44  VAL A N   1 
ATOM   316 C CA  . VAL A 1 44 ? 5.215   3.796   -2.728  1.00 15.39 ? 44  VAL A CA  1 
ATOM   317 C C   . VAL A 1 44 ? 5.216   5.240   -2.201  1.00 14.81 ? 44  VAL A C   1 
ATOM   318 O O   . VAL A 1 44 ? 5.893   5.544   -1.224  1.00 14.24 ? 44  VAL A O   1 
ATOM   319 C CB  . VAL A 1 44 ? 6.239   3.678   -3.878  1.00 16.67 ? 44  VAL A CB  1 
ATOM   320 C CG1 . VAL A 1 44 ? 7.611   4.158   -3.403  1.00 15.13 ? 44  VAL A CG1 1 
ATOM   321 C CG2 . VAL A 1 44 ? 6.328   2.233   -4.351  1.00 14.43 ? 44  VAL A CG2 1 
ATOM   322 N N   . ASP A 1 45 ? 4.463   6.124   -2.859  1.00 16.35 ? 45  ASP A N   1 
ATOM   323 C CA  . ASP A 1 45 ? 4.375   7.521   -2.422  1.00 18.24 ? 45  ASP A CA  1 
ATOM   324 C C   . ASP A 1 45 ? 3.799   7.555   -1.013  1.00 18.06 ? 45  ASP A C   1 
ATOM   325 O O   . ASP A 1 45 ? 4.293   8.273   -0.145  1.00 19.62 ? 45  ASP A O   1 
ATOM   326 C CB  . ASP A 1 45 ? 3.455   8.345   -3.340  1.00 19.37 ? 45  ASP A CB  1 
ATOM   327 C CG  . ASP A 1 45 ? 4.118   8.748   -4.650  1.00 19.20 ? 45  ASP A CG  1 
ATOM   328 O OD1 . ASP A 1 45 ? 5.304   8.420   -4.861  1.00 18.91 ? 45  ASP A OD1 1 
ATOM   329 O OD2 . ASP A 1 45 ? 3.441   9.398   -5.476  1.00 21.87 ? 45  ASP A OD2 1 
ATOM   330 N N   . VAL A 1 46 ? 2.747   6.765   -0.788  1.00 18.45 ? 46  VAL A N   1 
ATOM   331 C CA  . VAL A 1 46 ? 2.124   6.727   0.521   1.00 18.41 ? 46  VAL A CA  1 
ATOM   332 C C   . VAL A 1 46 ? 3.149   6.332   1.568   1.00 17.89 ? 46  VAL A C   1 
ATOM   333 O O   . VAL A 1 46 ? 3.290   7.002   2.585   1.00 16.90 ? 46  VAL A O   1 
ATOM   334 C CB  . VAL A 1 46 ? 0.947   5.726   0.573   1.00 20.10 ? 46  VAL A CB  1 
ATOM   335 C CG1 . VAL A 1 46 ? 0.471   5.566   2.009   1.00 19.42 ? 46  VAL A CG1 1 
ATOM   336 C CG2 . VAL A 1 46 ? -0.207  6.228   -0.299  1.00 18.00 ? 46  VAL A CG2 1 
ATOM   337 N N   . ALA A 1 47 ? 3.866   5.245   1.312   1.00 17.64 ? 47  ALA A N   1 
ATOM   338 C CA  . ALA A 1 47 ? 4.873   4.756   2.245   1.00 17.47 ? 47  ALA A CA  1 
ATOM   339 C C   . ALA A 1 47 ? 5.942   5.810   2.529   1.00 17.71 ? 47  ALA A C   1 
ATOM   340 O O   . ALA A 1 47 ? 6.382   5.977   3.668   1.00 17.13 ? 47  ALA A O   1 
ATOM   341 C CB  . ALA A 1 47 ? 5.524   3.505   1.680   1.00 19.15 ? 47  ALA A CB  1 
ATOM   342 N N   . GLU A 1 48 ? 6.371   6.511   1.485   1.00 19.09 ? 48  GLU A N   1 
ATOM   343 C CA  . GLU A 1 48 ? 7.398   7.535   1.638   1.00 20.47 ? 48  GLU A CA  1 
ATOM   344 C C   . GLU A 1 48 ? 6.909   8.749   2.415   1.00 22.04 ? 48  GLU A C   1 
ATOM   345 O O   . GLU A 1 48 ? 7.628   9.269   3.260   1.00 20.25 ? 48  GLU A O   1 
ATOM   346 C CB  . GLU A 1 48 ? 7.914   7.985   0.271   1.00 21.86 ? 48  GLU A CB  1 
ATOM   347 C CG  . GLU A 1 48 ? 8.815   6.967   -0.416  1.00 21.26 ? 48  GLU A CG  1 
ATOM   348 C CD  . GLU A 1 48 ? 10.039  6.629   0.414   1.00 22.93 ? 48  GLU A CD  1 
ATOM   349 O OE1 . GLU A 1 48 ? 10.907  7.514   0.605   1.00 21.77 ? 48  GLU A OE1 1 
ATOM   350 O OE2 . GLU A 1 48 ? 10.129  5.475   0.881   1.00 23.14 ? 48  GLU A OE2 1 
ATOM   351 N N   . ILE A 1 49 ? 5.693   9.201   2.122   1.00 22.56 ? 49  ILE A N   1 
ATOM   352 C CA  . ILE A 1 49 ? 5.136   10.367  2.808   1.00 22.84 ? 49  ILE A CA  1 
ATOM   353 C C   . ILE A 1 49 ? 4.974   10.073  4.297   1.00 22.21 ? 49  ILE A C   1 
ATOM   354 O O   . ILE A 1 49 ? 5.317   10.893  5.149   1.00 21.83 ? 49  ILE A O   1 
ATOM   355 C CB  . ILE A 1 49 ? 3.758   10.763  2.228   1.00 23.97 ? 49  ILE A CB  1 
ATOM   356 C CG1 . ILE A 1 49 ? 3.907   11.272  0.793   1.00 24.62 ? 49  ILE A CG1 1 
ATOM   357 C CG2 . ILE A 1 49 ? 3.108   11.825  3.105   1.00 25.60 ? 49  ILE A CG2 1 
ATOM   358 C CD1 . ILE A 1 49 ? 2.593   11.644  0.126   1.00 24.28 ? 49  ILE A CD1 1 
ATOM   359 N N   . VAL A 1 50 ? 4.445   8.896   4.603   1.00 21.87 ? 50  VAL A N   1 
ATOM   360 C CA  . VAL A 1 50 ? 4.236   8.494   5.989   1.00 21.12 ? 50  VAL A CA  1 
ATOM   361 C C   . VAL A 1 50 ? 5.525   8.478   6.796   1.00 24.11 ? 50  VAL A C   1 
ATOM   362 O O   . VAL A 1 50 ? 5.603   9.098   7.858   1.00 22.70 ? 50  VAL A O   1 
ATOM   363 C CB  . VAL A 1 50 ? 3.571   7.092   6.081   1.00 19.74 ? 50  VAL A CB  1 
ATOM   364 C CG1 . VAL A 1 50 ? 3.748   6.502   7.489   1.00 17.48 ? 50  VAL A CG1 1 
ATOM   365 C CG2 . VAL A 1 50 ? 2.071   7.209   5.763   1.00 15.17 ? 50  VAL A CG2 1 
ATOM   366 N N   . ARG A 1 51 ? 6.538   7.786   6.279   1.00 27.08 ? 51  ARG A N   1 
ATOM   367 C CA  . ARG A 1 51 ? 7.816   7.642   6.972   1.00 30.98 ? 51  ARG A CA  1 
ATOM   368 C C   . ARG A 1 51 ? 8.748   8.840   6.864   1.00 33.07 ? 51  ARG A C   1 
ATOM   369 O O   . ARG A 1 51 ? 9.684   8.957   7.647   1.00 34.38 ? 51  ARG A O   1 
ATOM   370 C CB  . ARG A 1 51 ? 8.545   6.387   6.470   1.00 32.59 ? 51  ARG A CB  1 
ATOM   371 C CG  . ARG A 1 51 ? 8.887   6.439   4.990   1.00 36.58 ? 51  ARG A CG  1 
ATOM   372 C CD  . ARG A 1 51 ? 9.556   5.167   4.477   1.00 39.57 ? 51  ARG A CD  1 
ATOM   373 N NE  . ARG A 1 51 ? 10.880  4.957   5.053   1.00 41.73 ? 51  ARG A NE  1 
ATOM   374 C CZ  . ARG A 1 51 ? 11.929  4.505   4.369   1.00 43.83 ? 51  ARG A CZ  1 
ATOM   375 N NH1 . ARG A 1 51 ? 11.810  4.222   3.077   1.00 44.35 ? 51  ARG A NH1 1 
ATOM   376 N NH2 . ARG A 1 51 ? 13.096  4.329   4.976   1.00 45.14 ? 51  ARG A NH2 1 
ATOM   377 N N   . ASN A 1 52 ? 8.497   9.728   5.905   1.00 34.36 ? 52  ASN A N   1 
ATOM   378 C CA  . ASN A 1 52 ? 9.351   10.892  5.724   1.00 36.48 ? 52  ASN A CA  1 
ATOM   379 C C   . ASN A 1 52 ? 8.908   12.148  6.471   1.00 38.02 ? 52  ASN A C   1 
ATOM   380 O O   . ASN A 1 52 ? 9.693   12.723  7.221   1.00 37.79 ? 52  ASN A O   1 
ATOM   381 C CB  . ASN A 1 52 ? 9.497   11.210  4.233   1.00 36.24 ? 52  ASN A CB  1 
ATOM   382 C CG  . ASN A 1 52 ? 10.400  10.224  3.514   1.00 37.20 ? 52  ASN A CG  1 
ATOM   383 O OD1 . ASN A 1 52 ? 10.412  10.163  2.289   1.00 37.57 ? 52  ASN A OD1 1 
ATOM   384 N ND2 . ASN A 1 52 ? 11.169  9.452   4.277   1.00 34.50 ? 52  ASN A ND2 1 
ATOM   385 N N   . ARG A 1 53 ? 7.662   12.577  6.285   1.00 38.64 ? 53  ARG A N   1 
ATOM   386 C CA  . ARG A 1 53 ? 7.215   13.790  6.962   1.00 40.94 ? 53  ARG A CA  1 
ATOM   387 C C   . ARG A 1 53 ? 6.158   13.659  8.054   1.00 40.63 ? 53  ARG A C   1 
ATOM   388 O O   . ARG A 1 53 ? 5.890   14.634  8.757   1.00 41.57 ? 53  ARG A O   1 
ATOM   389 C CB  . ARG A 1 53 ? 6.739   14.830  5.946   1.00 42.59 ? 53  ARG A CB  1 
ATOM   390 C CG  . ARG A 1 53 ? 5.570   14.404  5.079   1.00 43.99 ? 53  ARG A CG  1 
ATOM   391 C CD  . ARG A 1 53 ? 4.794   15.625  4.582   1.00 46.55 ? 53  ARG A CD  1 
ATOM   392 N NE  . ARG A 1 53 ? 3.935   15.316  3.442   1.00 48.22 ? 53  ARG A NE  1 
ATOM   393 C CZ  . ARG A 1 53 ? 2.888   16.049  3.072   1.00 47.97 ? 53  ARG A CZ  1 
ATOM   394 N NH1 . ARG A 1 53 ? 2.563   17.139  3.758   1.00 48.17 ? 53  ARG A NH1 1 
ATOM   395 N NH2 . ARG A 1 53 ? 2.171   15.696  2.012   1.00 47.62 ? 53  ARG A NH2 1 
ATOM   396 N N   . PHE A 1 54 ? 5.554   12.483  8.209   1.00 39.96 ? 54  PHE A N   1 
ATOM   397 C CA  . PHE A 1 54 ? 4.540   12.319  9.246   1.00 39.15 ? 54  PHE A CA  1 
ATOM   398 C C   . PHE A 1 54 ? 4.965   11.441  10.402  1.00 38.95 ? 54  PHE A C   1 
ATOM   399 O O   . PHE A 1 54 ? 4.593   11.697  11.544  1.00 40.22 ? 54  PHE A O   1 
ATOM   400 C CB  . PHE A 1 54 ? 3.237   11.765  8.670   1.00 38.49 ? 54  PHE A CB  1 
ATOM   401 C CG  . PHE A 1 54 ? 2.482   12.751  7.838   1.00 39.06 ? 54  PHE A CG  1 
ATOM   402 C CD1 . PHE A 1 54 ? 2.688   12.827  6.468   1.00 38.23 ? 54  PHE A CD1 1 
ATOM   403 C CD2 . PHE A 1 54 ? 1.580   13.629  8.430   1.00 39.19 ? 54  PHE A CD2 1 
ATOM   404 C CE1 . PHE A 1 54 ? 2.008   13.764  5.697   1.00 38.78 ? 54  PHE A CE1 1 
ATOM   405 C CE2 . PHE A 1 54 ? 0.896   14.570  7.667   1.00 38.99 ? 54  PHE A CE2 1 
ATOM   406 C CZ  . PHE A 1 54 ? 1.110   14.638  6.299   1.00 38.75 ? 54  PHE A CZ  1 
ATOM   407 N N   . MET A 1 55 ? 5.743   10.408  10.120  1.00 37.98 ? 55  MET A N   1 
ATOM   408 C CA  . MET A 1 55 ? 6.154   9.516   11.184  1.00 37.48 ? 55  MET A CA  1 
ATOM   409 C C   . MET A 1 55 ? 7.577   9.007   11.062  1.00 38.23 ? 55  MET A C   1 
ATOM   410 O O   . MET A 1 55 ? 7.805   7.810   10.901  1.00 36.79 ? 55  MET A O   1 
ATOM   411 C CB  . MET A 1 55 ? 5.176   8.341   11.266  1.00 37.78 ? 55  MET A CB  1 
ATOM   412 C CG  . MET A 1 55 ? 4.506   8.190   12.623  1.00 38.00 ? 55  MET A CG  1 
ATOM   413 S SD  . MET A 1 55 ? 3.005   7.185   12.577  1.00 38.35 ? 55  MET A SD  1 
ATOM   414 C CE  . MET A 1 55 ? 1.764   8.399   12.872  1.00 37.31 ? 55  MET A CE  1 
ATOM   415 N N   . PRO A 1 56 ? 8.563   9.914   11.117  1.00 38.94 ? 56  PRO A N   1 
ATOM   416 C CA  . PRO A 1 56 ? 9.928   9.396   11.009  1.00 39.40 ? 56  PRO A CA  1 
ATOM   417 C C   . PRO A 1 56 ? 10.082  8.361   12.119  1.00 39.66 ? 56  PRO A C   1 
ATOM   418 O O   . PRO A 1 56 ? 9.464   8.486   13.179  1.00 41.44 ? 56  PRO A O   1 
ATOM   419 C CB  . PRO A 1 56 ? 10.793  10.644  11.207  1.00 39.67 ? 56  PRO A CB  1 
ATOM   420 C CG  . PRO A 1 56 ? 9.899   11.576  11.997  1.00 39.84 ? 56  PRO A CG  1 
ATOM   421 C CD  . PRO A 1 56 ? 8.555   11.365  11.357  1.00 39.14 ? 56  PRO A CD  1 
ATOM   422 N N   . GLY A 1 57 ? 10.877  7.328   11.874  1.00 38.80 ? 57  GLY A N   1 
ATOM   423 C CA  . GLY A 1 57 ? 11.032  6.291   12.877  1.00 38.42 ? 57  GLY A CA  1 
ATOM   424 C C   . GLY A 1 57 ? 10.382  5.021   12.359  1.00 36.78 ? 57  GLY A C   1 
ATOM   425 O O   . GLY A 1 57 ? 10.851  3.918   12.635  1.00 37.77 ? 57  GLY A O   1 
ATOM   426 N N   . VAL A 1 58 ? 9.291   5.185   11.613  1.00 35.39 ? 58  VAL A N   1 
ATOM   427 C CA  . VAL A 1 58 ? 8.588   4.056   11.015  1.00 34.29 ? 58  VAL A CA  1 
ATOM   428 C C   . VAL A 1 58 ? 9.524   3.510   9.947   1.00 33.04 ? 58  VAL A C   1 
ATOM   429 O O   . VAL A 1 58 ? 10.077  4.275   9.155   1.00 34.99 ? 58  VAL A O   1 
ATOM   430 C CB  . VAL A 1 58 ? 7.262   4.493   10.341  1.00 34.25 ? 58  VAL A CB  1 
ATOM   431 C CG1 . VAL A 1 58 ? 6.678   3.338   9.544   1.00 33.01 ? 58  VAL A CG1 1 
ATOM   432 C CG2 . VAL A 1 58 ? 6.265   4.941   11.393  1.00 32.69 ? 58  VAL A CG2 1 
ATOM   433 N N   . LYS A 1 59 ? 9.709   2.195   9.921   1.00 32.47 ? 59  LYS A N   1 
ATOM   434 C CA  . LYS A 1 59 ? 10.609  1.591   8.947   1.00 31.24 ? 59  LYS A CA  1 
ATOM   435 C C   . LYS A 1 59 ? 9.899   0.710   7.922   1.00 30.10 ? 59  LYS A C   1 
ATOM   436 O O   . LYS A 1 59 ? 8.774   0.261   8.146   1.00 27.19 ? 59  LYS A O   1 
ATOM   437 C CB  . LYS A 1 59 ? 11.669  0.767   9.682   1.00 33.55 ? 59  LYS A CB  1 
ATOM   438 C CG  . LYS A 1 59 ? 12.436  1.563   10.727  1.00 38.52 ? 59  LYS A CG  1 
ATOM   439 C CD  . LYS A 1 59 ? 13.390  0.687   11.520  1.00 42.02 ? 59  LYS A CD  1 
ATOM   440 C CE  . LYS A 1 59 ? 14.195  1.517   12.510  1.00 44.40 ? 59  LYS A CE  1 
ATOM   441 N NZ  . LYS A 1 59 ? 14.968  2.606   11.831  1.00 45.92 ? 59  LYS A NZ  1 
ATOM   442 N N   . VAL A 1 60 ? 10.558  0.487   6.788   1.00 28.86 ? 60  VAL A N   1 
ATOM   443 C CA  . VAL A 1 60 ? 10.012  -0.375  5.747   1.00 27.64 ? 60  VAL A CA  1 
ATOM   444 C C   . VAL A 1 60 ? 10.522  -1.760  6.117   1.00 27.37 ? 60  VAL A C   1 
ATOM   445 O O   . VAL A 1 60 ? 11.708  -2.057  5.972   1.00 28.32 ? 60  VAL A O   1 
ATOM   446 C CB  . VAL A 1 60 ? 10.525  0.019   4.350   1.00 28.39 ? 60  VAL A CB  1 
ATOM   447 C CG1 . VAL A 1 60 ? 9.972   -0.941  3.304   1.00 26.70 ? 60  VAL A CG1 1 
ATOM   448 C CG2 . VAL A 1 60 ? 10.100  1.455   4.030   1.00 27.18 ? 60  VAL A CG2 1 
ATOM   449 N N   . LYS A 1 61 ? 9.615   -2.596  6.604   1.00 26.86 ? 61  LYS A N   1 
ATOM   450 C CA  . LYS A 1 61 ? 9.934   -3.946  7.063   1.00 28.38 ? 61  LYS A CA  1 
ATOM   451 C C   . LYS A 1 61 ? 10.136  -4.971  5.948   1.00 28.35 ? 61  LYS A C   1 
ATOM   452 O O   . LYS A 1 61 ? 10.985  -5.853  6.048   1.00 29.14 ? 61  LYS A O   1 
ATOM   453 C CB  . LYS A 1 61 ? 8.820   -4.425  7.993   1.00 28.75 ? 61  LYS A CB  1 
ATOM   454 C CG  . LYS A 1 61 ? 9.129   -5.686  8.784   1.00 32.66 ? 61  LYS A CG  1 
ATOM   455 C CD  . LYS A 1 61 ? 7.906   -6.104  9.587   1.00 35.19 ? 61  LYS A CD  1 
ATOM   456 C CE  . LYS A 1 61 ? 8.256   -7.071  10.705  1.00 35.81 ? 61  LYS A CE  1 
ATOM   457 N NZ  . LYS A 1 61 ? 9.110   -6.413  11.740  1.00 36.93 ? 61  LYS A NZ  1 
ATOM   458 N N   . GLU A 1 62 ? 9.337   -4.869  4.896   1.00 26.87 ? 62  GLU A N   1 
ATOM   459 C CA  . GLU A 1 62 ? 9.442   -5.797  3.786   1.00 27.06 ? 62  GLU A CA  1 
ATOM   460 C C   . GLU A 1 62 ? 8.647   -5.293  2.591   1.00 24.93 ? 62  GLU A C   1 
ATOM   461 O O   . GLU A 1 62 ? 7.646   -4.607  2.755   1.00 23.32 ? 62  GLU A O   1 
ATOM   462 C CB  . GLU A 1 62 ? 8.910   -7.169  4.201   1.00 30.73 ? 62  GLU A CB  1 
ATOM   463 C CG  . GLU A 1 62 ? 8.761   -8.151  3.050   1.00 36.41 ? 62  GLU A CG  1 
ATOM   464 C CD  . GLU A 1 62 ? 8.190   -9.483  3.492   1.00 41.24 ? 62  GLU A CD  1 
ATOM   465 O OE1 . GLU A 1 62 ? 8.860   -10.187 4.277   1.00 45.81 ? 62  GLU A OE1 1 
ATOM   466 O OE2 . GLU A 1 62 ? 7.071   -9.827  3.056   1.00 43.51 ? 62  GLU A OE2 1 
ATOM   467 N N   . ILE A 1 63 ? 9.111   -5.622  1.392   1.00 21.14 ? 63  ILE A N   1 
ATOM   468 C CA  . ILE A 1 63 ? 8.407   -5.232  0.175   1.00 19.95 ? 63  ILE A CA  1 
ATOM   469 C C   . ILE A 1 63 ? 8.302   -6.496  -0.649  1.00 20.82 ? 63  ILE A C   1 
ATOM   470 O O   . ILE A 1 63 ? 9.278   -7.216  -0.805  1.00 21.47 ? 63  ILE A O   1 
ATOM   471 C CB  . ILE A 1 63 ? 9.172   -4.181  -0.639  1.00 18.57 ? 63  ILE A CB  1 
ATOM   472 C CG1 . ILE A 1 63 ? 9.317   -2.897  0.174   1.00 20.18 ? 63  ILE A CG1 1 
ATOM   473 C CG2 . ILE A 1 63 ? 8.421   -3.884  -1.942  1.00 18.78 ? 63  ILE A CG2 1 
ATOM   474 C CD1 . ILE A 1 63 ? 10.179  -1.882  -0.500  1.00 22.84 ? 63  ILE A CD1 1 
ATOM   475 N N   . LYS A 1 64 ? 7.116   -6.771  -1.167  1.00 18.22 ? 64  LYS A N   1 
ATOM   476 C CA  . LYS A 1 64 ? 6.922   -7.972  -1.968  1.00 19.42 ? 64  LYS A CA  1 
ATOM   477 C C   . LYS A 1 64 ? 6.168   -7.607  -3.234  1.00 19.82 ? 64  LYS A C   1 
ATOM   478 O O   . LYS A 1 64 ? 5.199   -6.865  -3.177  1.00 18.07 ? 64  LYS A O   1 
ATOM   479 C CB  . LYS A 1 64 ? 6.108   -8.986  -1.164  1.00 24.13 ? 64  LYS A CB  1 
ATOM   480 C CG  . LYS A 1 64 ? 5.882   -10.308 -1.857  1.00 31.29 ? 64  LYS A CG  1 
ATOM   481 C CD  . LYS A 1 64 ? 4.877   -11.160 -1.094  1.00 36.22 ? 64  LYS A CD  1 
ATOM   482 C CE  . LYS A 1 64 ? 4.787   -12.556 -1.689  1.00 38.81 ? 64  LYS A CE  1 
ATOM   483 N NZ  . LYS A 1 64 ? 4.587   -12.507 -3.170  1.00 40.54 ? 64  LYS A NZ  1 
ATOM   484 N N   . ILE A 1 65 ? 6.628   -8.099  -4.379  1.00 18.55 ? 65  ILE A N   1 
ATOM   485 C CA  . ILE A 1 65 ? 5.932   -7.839  -5.630  1.00 19.29 ? 65  ILE A CA  1 
ATOM   486 C C   . ILE A 1 65 ? 5.491   -9.189  -6.155  1.00 19.37 ? 65  ILE A C   1 
ATOM   487 O O   . ILE A 1 65 ? 6.103   -10.217 -5.852  1.00 16.06 ? 65  ILE A O   1 
ATOM   488 C CB  . ILE A 1 65 ? 6.817   -7.161  -6.715  1.00 18.14 ? 65  ILE A CB  1 
ATOM   489 C CG1 . ILE A 1 65 ? 8.024   -8.045  -7.055  1.00 20.11 ? 65  ILE A CG1 1 
ATOM   490 C CG2 . ILE A 1 65 ? 7.210   -5.760  -6.268  1.00 19.48 ? 65  ILE A CG2 1 
ATOM   491 C CD1 . ILE A 1 65 ? 8.792   -7.630  -8.272  1.00 21.73 ? 65  ILE A CD1 1 
ATOM   492 N N   . ASP A 1 66 ? 4.421   -9.180  -6.940  1.00 18.53 ? 66  ASP A N   1 
ATOM   493 C CA  . ASP A 1 66 ? 3.894   -10.408 -7.506  1.00 19.87 ? 66  ASP A CA  1 
ATOM   494 C C   . ASP A 1 66 ? 3.025   -10.070 -8.704  1.00 18.92 ? 66  ASP A C   1 
ATOM   495 O O   . ASP A 1 66 ? 3.012   -8.940  -9.185  1.00 19.34 ? 66  ASP A O   1 
ATOM   496 C CB  . ASP A 1 66 ? 3.051   -11.146 -6.460  1.00 22.32 ? 66  ASP A CB  1 
ATOM   497 C CG  . ASP A 1 66 ? 3.070   -12.657 -6.650  1.00 24.98 ? 66  ASP A CG  1 
ATOM   498 O OD1 . ASP A 1 66 ? 2.961   -13.128 -7.804  1.00 25.14 ? 66  ASP A OD1 1 
ATOM   499 O OD2 . ASP A 1 66 ? 3.189   -13.372 -5.634  1.00 30.59 ? 66  ASP A OD2 1 
ATOM   500 N N   . THR A 1 67 ? 2.299   -11.068 -9.179  1.00 19.76 ? 67  THR A N   1 
ATOM   501 C CA  . THR A 1 67 ? 1.405   -10.900 -10.301 1.00 21.38 ? 67  THR A CA  1 
ATOM   502 C C   . THR A 1 67 ? 0.101   -11.597 -9.948  1.00 23.54 ? 67  THR A C   1 
ATOM   503 O O   . THR A 1 67 ? 0.102   -12.730 -9.465  1.00 25.29 ? 67  THR A O   1 
ATOM   504 C CB  . THR A 1 67 ? 2.001   -11.526 -11.577 1.00 22.29 ? 67  THR A CB  1 
ATOM   505 O OG1 . THR A 1 67 ? 3.034   -10.672 -12.090 1.00 20.94 ? 67  THR A OG1 1 
ATOM   506 C CG2 . THR A 1 67 ? 0.919   -11.703 -12.637 1.00 24.90 ? 67  THR A CG2 1 
ATOM   507 N N   . GLU A 1 68 ? -1.008  -10.905 -10.163 1.00 25.19 ? 68  GLU A N   1 
ATOM   508 C CA  . GLU A 1 68 ? -2.321  -11.464 -9.883  1.00 27.43 ? 68  GLU A CA  1 
ATOM   509 C C   . GLU A 1 68 ? -3.061  -11.650 -11.201 1.00 27.47 ? 68  GLU A C   1 
ATOM   510 O O   . GLU A 1 68 ? -3.039  -10.764 -12.056 1.00 26.23 ? 68  GLU A O   1 
ATOM   511 C CB  . GLU A 1 68 ? -3.107  -10.523 -8.963  1.00 28.70 ? 68  GLU A CB  1 
ATOM   512 C CG  . GLU A 1 68 ? -4.606  -10.771 -8.924  1.00 34.49 ? 68  GLU A CG  1 
ATOM   513 C CD  . GLU A 1 68 ? -5.307  -9.928  -7.874  1.00 37.47 ? 68  GLU A CD  1 
ATOM   514 O OE1 . GLU A 1 68 ? -6.548  -9.779  -7.948  1.00 39.47 ? 68  GLU A OE1 1 
ATOM   515 O OE2 . GLU A 1 68 ? -4.613  -9.423  -6.966  1.00 38.65 ? 68  GLU A OE2 1 
ATOM   516 N N   . GLU A 1 69 ? -3.684  -12.814 -11.365 1.00 27.17 ? 69  GLU A N   1 
ATOM   517 C CA  . GLU A 1 69 ? -4.458  -13.120 -12.562 1.00 27.72 ? 69  GLU A CA  1 
ATOM   518 C C   . GLU A 1 69 ? -5.878  -12.666 -12.247 1.00 27.88 ? 69  GLU A C   1 
ATOM   519 O O   . GLU A 1 69 ? -6.525  -13.199 -11.349 1.00 29.65 ? 69  GLU A O   1 
ATOM   520 C CB  . GLU A 1 69 ? -4.427  -14.625 -12.847 1.00 30.70 ? 69  GLU A CB  1 
ATOM   521 C CG  . GLU A 1 69 ? -5.100  -15.025 -14.154 1.00 34.25 ? 69  GLU A CG  1 
ATOM   522 C CD  . GLU A 1 69 ? -4.899  -16.497 -14.499 1.00 34.96 ? 69  GLU A CD  1 
ATOM   523 O OE1 . GLU A 1 69 ? -5.303  -17.366 -13.699 1.00 37.41 ? 69  GLU A OE1 1 
ATOM   524 O OE2 . GLU A 1 69 ? -4.338  -16.786 -15.576 1.00 34.45 ? 69  GLU A OE2 1 
ATOM   525 N N   . LEU A 1 70 ? -6.354  -11.667 -12.975 1.00 26.36 ? 70  LEU A N   1 
ATOM   526 C CA  . LEU A 1 70 ? -7.686  -11.133 -12.736 1.00 27.14 ? 70  LEU A CA  1 
ATOM   527 C C   . LEU A 1 70 ? -8.764  -12.001 -13.358 1.00 26.86 ? 70  LEU A C   1 
ATOM   528 O O   . LEU A 1 70 ? -8.490  -12.802 -14.247 1.00 26.13 ? 70  LEU A O   1 
ATOM   529 C CB  . LEU A 1 70 ? -7.796  -9.718  -13.304 1.00 27.62 ? 70  LEU A CB  1 
ATOM   530 C CG  . LEU A 1 70 ? -6.715  -8.720  -12.891 1.00 27.22 ? 70  LEU A CG  1 
ATOM   531 C CD1 . LEU A 1 70 ? -7.086  -7.360  -13.428 1.00 28.57 ? 70  LEU A CD1 1 
ATOM   532 C CD2 . LEU A 1 70 ? -6.589  -8.673  -11.376 1.00 29.88 ? 70  LEU A CD2 1 
ATOM   533 N N   . GLU A 1 71 ? -9.995  -11.831 -12.884 1.00 28.76 ? 71  GLU A N   1 
ATOM   534 C CA  . GLU A 1 71 ? -11.115 -12.596 -13.408 1.00 31.47 ? 71  GLU A CA  1 
ATOM   535 C C   . GLU A 1 71 ? -11.205 -12.281 -14.898 1.00 29.68 ? 71  GLU A C   1 
ATOM   536 O O   . GLU A 1 71 ? -10.989 -11.143 -15.307 1.00 29.11 ? 71  GLU A O   1 
ATOM   537 C CB  . GLU A 1 71 ? -12.409 -12.192 -12.703 1.00 36.00 ? 71  GLU A CB  1 
ATOM   538 C CG  . GLU A 1 71 ? -12.797 -13.143 -11.593 1.00 43.16 ? 71  GLU A CG  1 
ATOM   539 C CD  . GLU A 1 71 ? -12.265 -12.710 -10.242 1.00 48.14 ? 71  GLU A CD  1 
ATOM   540 O OE1 . GLU A 1 71 ? -12.910 -11.850 -9.602  1.00 50.07 ? 71  GLU A OE1 1 
ATOM   541 O OE2 . GLU A 1 71 ? -11.202 -13.223 -9.828  1.00 51.37 ? 71  GLU A OE2 1 
ATOM   542 N N   . SER A 1 72 ? -11.516 -13.286 -15.708 1.00 27.08 ? 72  SER A N   1 
ATOM   543 C CA  . SER A 1 72 ? -11.592 -13.091 -17.145 1.00 25.36 ? 72  SER A CA  1 
ATOM   544 C C   . SER A 1 72 ? -12.649 -12.076 -17.549 1.00 23.77 ? 72  SER A C   1 
ATOM   545 O O   . SER A 1 72 ? -13.664 -11.899 -16.870 1.00 25.59 ? 72  SER A O   1 
ATOM   546 C CB  . SER A 1 72 ? -11.877 -14.419 -17.850 1.00 26.19 ? 72  SER A CB  1 
ATOM   547 O OG  . SER A 1 72 ? -13.243 -14.776 -17.722 1.00 25.93 ? 72  SER A OG  1 
ATOM   548 N N   . GLU A 1 73 ? -12.388 -11.406 -18.663 1.00 23.42 ? 73  GLU A N   1 
ATOM   549 C CA  . GLU A 1 73 ? -13.292 -10.415 -19.224 1.00 23.27 ? 73  GLU A CA  1 
ATOM   550 C C   . GLU A 1 73 ? -13.256 -10.653 -20.726 1.00 22.35 ? 73  GLU A C   1 
ATOM   551 O O   . GLU A 1 73 ? -12.186 -10.694 -21.331 1.00 21.26 ? 73  GLU A O   1 
ATOM   552 C CB  . GLU A 1 73 ? -12.814 -8.998  -18.899 1.00 23.79 ? 73  GLU A CB  1 
ATOM   553 C CG  . GLU A 1 73 ? -12.832 -8.658  -17.417 1.00 23.58 ? 73  GLU A CG  1 
ATOM   554 C CD  . GLU A 1 73 ? -14.232 -8.598  -16.836 1.00 26.16 ? 73  GLU A CD  1 
ATOM   555 O OE1 . GLU A 1 73 ? -14.346 -8.392  -15.610 1.00 29.71 ? 73  GLU A OE1 1 
ATOM   556 O OE2 . GLU A 1 73 ? -15.217 -8.753  -17.593 1.00 24.35 ? 73  GLU A OE2 1 
ATOM   557 N N   . GLN A 1 74 ? -14.430 -10.817 -21.322 1.00 23.02 ? 74  GLN A N   1 
ATOM   558 C CA  . GLN A 1 74 ? -14.534 -11.084 -22.749 1.00 21.52 ? 74  GLN A CA  1 
ATOM   559 C C   . GLN A 1 74 ? -13.634 -12.260 -23.145 1.00 24.17 ? 74  GLN A C   1 
ATOM   560 O O   . GLN A 1 74 ? -13.042 -12.277 -24.226 1.00 26.04 ? 74  GLN A O   1 
ATOM   561 C CB  . GLN A 1 74 ? -14.178 -9.834  -23.565 1.00 20.14 ? 74  GLN A CB  1 
ATOM   562 C CG  . GLN A 1 74 ? -15.043 -8.613  -23.234 1.00 18.65 ? 74  GLN A CG  1 
ATOM   563 C CD  . GLN A 1 74 ? -15.141 -7.632  -24.387 1.00 18.58 ? 74  GLN A CD  1 
ATOM   564 O OE1 . GLN A 1 74 ? -14.289 -7.616  -25.280 1.00 18.44 ? 74  GLN A OE1 1 
ATOM   565 N NE2 . GLN A 1 74 ? -16.180 -6.799  -24.373 1.00 16.41 ? 74  GLN A NE2 1 
ATOM   566 N N   . GLY A 1 75 ? -13.525 -13.236 -22.249 1.00 25.34 ? 75  GLY A N   1 
ATOM   567 C CA  . GLY A 1 75 ? -12.735 -14.423 -22.526 1.00 27.30 ? 75  GLY A CA  1 
ATOM   568 C C   . GLY A 1 75 ? -11.222 -14.336 -22.410 1.00 30.39 ? 75  GLY A C   1 
ATOM   569 O O   . GLY A 1 75 ? -10.509 -15.076 -23.085 1.00 30.84 ? 75  GLY A O   1 
ATOM   570 N N   . ARG A 1 76 ? -10.723 -13.451 -21.558 1.00 30.37 ? 76  ARG A N   1 
ATOM   571 C CA  . ARG A 1 76 ? -9.280  -13.305 -21.377 1.00 34.64 ? 76  ARG A CA  1 
ATOM   572 C C   . ARG A 1 76 ? -8.972  -12.895 -19.944 1.00 33.75 ? 76  ARG A C   1 
ATOM   573 O O   . ARG A 1 76 ? -9.513  -11.905 -19.453 1.00 34.35 ? 76  ARG A O   1 
ATOM   574 C CB  . ARG A 1 76 ? -8.737  -12.246 -22.344 1.00 37.26 ? 76  ARG A CB  1 
ATOM   575 C CG  . ARG A 1 76 ? -7.241  -12.349 -22.646 1.00 43.71 ? 76  ARG A CG  1 
ATOM   576 C CD  . ARG A 1 76 ? -6.547  -10.994 -22.586 1.00 48.99 ? 76  ARG A CD  1 
ATOM   577 N NE  . ARG A 1 76 ? -5.344  -10.961 -23.413 1.00 56.01 ? 76  ARG A NE  1 
ATOM   578 C CZ  . ARG A 1 76 ? -4.549  -9.902  -23.538 1.00 58.77 ? 76  ARG A CZ  1 
ATOM   579 N NH1 . ARG A 1 76 ? -4.824  -8.782  -22.883 1.00 61.33 ? 76  ARG A NH1 1 
ATOM   580 N NH2 . ARG A 1 76 ? -3.482  -9.961  -24.325 1.00 61.05 ? 76  ARG A NH2 1 
ATOM   581 N N   . ARG A 1 77 ? -8.122  -13.666 -19.270 1.00 35.49 ? 77  ARG A N   1 
ATOM   582 C CA  . ARG A 1 77 ? -7.722  -13.354 -17.898 1.00 36.30 ? 77  ARG A CA  1 
ATOM   583 C C   . ARG A 1 77 ? -6.450  -12.522 -17.976 1.00 34.98 ? 77  ARG A C   1 
ATOM   584 O O   . ARG A 1 77 ? -5.411  -13.009 -18.406 1.00 36.49 ? 77  ARG A O   1 
ATOM   585 C CB  . ARG A 1 77 ? -7.436  -14.627 -17.100 1.00 38.21 ? 77  ARG A CB  1 
ATOM   586 C CG  . ARG A 1 77 ? -8.660  -15.382 -16.616 1.00 40.87 ? 77  ARG A CG  1 
ATOM   587 C CD  . ARG A 1 77 ? -8.232  -16.493 -15.668 1.00 44.91 ? 77  ARG A CD  1 
ATOM   588 N NE  . ARG A 1 77 ? -9.355  -17.148 -15.003 1.00 47.64 ? 77  ARG A NE  1 
ATOM   589 C CZ  . ARG A 1 77 ? -9.220  -18.069 -14.053 1.00 48.19 ? 77  ARG A CZ  1 
ATOM   590 N NH1 . ARG A 1 77 ? -8.010  -18.442 -13.659 1.00 48.55 ? 77  ARG A NH1 1 
ATOM   591 N NH2 . ARG A 1 77 ? -10.293 -18.619 -13.494 1.00 49.56 ? 77  ARG A NH2 1 
ATOM   592 N N   . SER A 1 78 ? -6.533  -11.269 -17.558 1.00 33.34 ? 78  SER A N   1 
ATOM   593 C CA  . SER A 1 78 ? -5.384  -10.374 -17.615 1.00 31.66 ? 78  SER A CA  1 
ATOM   594 C C   . SER A 1 78 ? -4.530  -10.440 -16.356 1.00 28.05 ? 78  SER A C   1 
ATOM   595 O O   . SER A 1 78 ? -5.040  -10.661 -15.262 1.00 27.68 ? 78  SER A O   1 
ATOM   596 C CB  . SER A 1 78 ? -5.854  -8.937  -17.826 1.00 32.64 ? 78  SER A CB  1 
ATOM   597 O OG  . SER A 1 78 ? -6.620  -8.501  -16.719 1.00 35.76 ? 78  SER A OG  1 
ATOM   598 N N   . ASN A 1 79 ? -3.229  -10.249 -16.527 1.00 26.73 ? 79  ASN A N   1 
ATOM   599 C CA  . ASN A 1 79 ? -2.289  -10.265 -15.414 1.00 25.63 ? 79  ASN A CA  1 
ATOM   600 C C   . ASN A 1 79 ? -1.980  -8.835  -15.016 1.00 23.65 ? 79  ASN A C   1 
ATOM   601 O O   . ASN A 1 79 ? -1.775  -7.975  -15.873 1.00 23.92 ? 79  ASN A O   1 
ATOM   602 C CB  . ASN A 1 79 ? -0.983  -10.958 -15.810 1.00 26.20 ? 79  ASN A CB  1 
ATOM   603 C CG  . ASN A 1 79 ? -1.190  -12.393 -16.226 1.00 28.13 ? 79  ASN A CG  1 
ATOM   604 O OD1 . ASN A 1 79 ? -1.768  -13.186 -15.488 1.00 28.10 ? 79  ASN A OD1 1 
ATOM   605 N ND2 . ASN A 1 79 ? -0.711  -12.739 -17.415 1.00 28.90 ? 79  ASN A ND2 1 
ATOM   606 N N   . VAL A 1 80 ? -1.940  -8.591  -13.712 1.00 20.98 ? 80  VAL A N   1 
ATOM   607 C CA  . VAL A 1 80 ? -1.645  -7.269  -13.182 1.00 20.07 ? 80  VAL A CA  1 
ATOM   608 C C   . VAL A 1 80 ? -0.598  -7.430  -12.092 1.00 18.87 ? 80  VAL A C   1 
ATOM   609 O O   . VAL A 1 80 ? -0.611  -8.422  -11.355 1.00 14.28 ? 80  VAL A O   1 
ATOM   610 C CB  . VAL A 1 80 ? -2.895  -6.617  -12.559 1.00 23.02 ? 80  VAL A CB  1 
ATOM   611 C CG1 . VAL A 1 80 ? -3.984  -6.494  -13.602 1.00 26.46 ? 80  VAL A CG1 1 
ATOM   612 C CG2 . VAL A 1 80 ? -3.382  -7.444  -11.380 1.00 24.97 ? 80  VAL A CG2 1 
ATOM   613 N N   . SER A 1 81 ? 0.311   -6.465  -12.010 1.00 15.22 ? 81  SER A N   1 
ATOM   614 C CA  . SER A 1 81 ? 1.371   -6.487  -11.012 1.00 16.55 ? 81  SER A CA  1 
ATOM   615 C C   . SER A 1 81 ? 0.815   -6.000  -9.686  1.00 13.87 ? 81  SER A C   1 
ATOM   616 O O   . SER A 1 81 ? -0.130  -5.210  -9.655  1.00 13.20 ? 81  SER A O   1 
ATOM   617 C CB  . SER A 1 81 ? 2.528   -5.580  -11.447 1.00 15.59 ? 81  SER A CB  1 
ATOM   618 O OG  . SER A 1 81 ? 3.160   -6.094  -12.616 1.00 17.94 ? 81  SER A OG  1 
ATOM   619 N N   . THR A 1 82 ? 1.409   -6.470  -8.598  1.00 14.21 ? 82  THR A N   1 
ATOM   620 C CA  . THR A 1 82 ? 0.985   -6.059  -7.271  1.00 17.08 ? 82  THR A CA  1 
ATOM   621 C C   . THR A 1 82 ? 2.200   -5.783  -6.411  1.00 14.39 ? 82  THR A C   1 
ATOM   622 O O   . THR A 1 82 ? 3.277   -6.324  -6.651  1.00 13.32 ? 82  THR A O   1 
ATOM   623 C CB  . THR A 1 82 ? 0.159   -7.155  -6.538  1.00 17.66 ? 82  THR A CB  1 
ATOM   624 O OG1 . THR A 1 82 ? 1.004   -8.276  -6.239  1.00 20.11 ? 82  THR A OG1 1 
ATOM   625 C CG2 . THR A 1 82 ? -1.020  -7.604  -7.390  1.00 16.87 ? 82  THR A CG2 1 
ATOM   626 N N   . ILE A 1 83 ? 2.027   -4.933  -5.411  1.00 13.91 ? 83  ILE A N   1 
ATOM   627 C CA  . ILE A 1 83 ? 3.114   -4.657  -4.483  1.00 14.28 ? 83  ILE A CA  1 
ATOM   628 C C   . ILE A 1 83 ? 2.510   -4.655  -3.086  1.00 16.25 ? 83  ILE A C   1 
ATOM   629 O O   . ILE A 1 83 ? 1.337   -4.314  -2.925  1.00 14.29 ? 83  ILE A O   1 
ATOM   630 C CB  . ILE A 1 83 ? 3.785   -3.284  -4.774  1.00 14.12 ? 83  ILE A CB  1 
ATOM   631 C CG1 . ILE A 1 83 ? 5.086   -3.162  -3.980  1.00 14.64 ? 83  ILE A CG1 1 
ATOM   632 C CG2 . ILE A 1 83 ? 2.849   -2.137  -4.389  1.00 11.75 ? 83  ILE A CG2 1 
ATOM   633 C CD1 . ILE A 1 83 ? 5.999   -2.044  -4.458  1.00 18.49 ? 83  ILE A CD1 1 
ATOM   634 N N   . GLU A 1 84 ? 3.298   -5.072  -2.092  1.00 16.03 ? 84  GLU A N   1 
ATOM   635 C CA  . GLU A 1 84 ? 2.873   -5.063  -0.701  1.00 17.27 ? 84  GLU A CA  1 
ATOM   636 C C   . GLU A 1 84 ? 4.030   -4.423  0.044   1.00 15.84 ? 84  GLU A C   1 
ATOM   637 O O   . GLU A 1 84 ? 5.170   -4.865  -0.103  1.00 14.60 ? 84  GLU A O   1 
ATOM   638 C CB  . GLU A 1 84 ? 2.662   -6.488  -0.168  1.00 18.27 ? 84  GLU A CB  1 
ATOM   639 C CG  . GLU A 1 84 ? 1.513   -7.220  -0.824  1.00 25.92 ? 84  GLU A CG  1 
ATOM   640 C CD  . GLU A 1 84 ? 1.210   -8.536  -0.140  1.00 28.45 ? 84  GLU A CD  1 
ATOM   641 O OE1 . GLU A 1 84 ? 0.271   -9.226  -0.584  1.00 30.71 ? 84  GLU A OE1 1 
ATOM   642 O OE2 . GLU A 1 84 ? 1.909   -8.875  0.841   1.00 28.21 ? 84  GLU A OE2 1 
ATOM   643 N N   . ILE A 1 85 ? 3.747   -3.380  0.820   1.00 15.56 ? 85  ILE A N   1 
ATOM   644 C CA  . ILE A 1 85 ? 4.792   -2.700  1.574   1.00 16.40 ? 85  ILE A CA  1 
ATOM   645 C C   . ILE A 1 85 ? 4.439   -2.735  3.046   1.00 18.00 ? 85  ILE A C   1 
ATOM   646 O O   . ILE A 1 85 ? 3.427   -2.176  3.449   1.00 17.70 ? 85  ILE A O   1 
ATOM   647 C CB  . ILE A 1 85 ? 4.931   -1.220  1.148   1.00 16.99 ? 85  ILE A CB  1 
ATOM   648 C CG1 . ILE A 1 85 ? 5.253   -1.146  -0.347  1.00 16.71 ? 85  ILE A CG1 1 
ATOM   649 C CG2 . ILE A 1 85 ? 6.046   -0.537  1.966   1.00 16.93 ? 85  ILE A CG2 1 
ATOM   650 C CD1 . ILE A 1 85 ? 5.318   0.267   -0.862  1.00 18.16 ? 85  ILE A CD1 1 
ATOM   651 N N   . VAL A 1 86 ? 5.263   -3.396  3.851   1.00 18.74 ? 86  VAL A N   1 
ATOM   652 C CA  . VAL A 1 86 ? 4.988   -3.462  5.274   1.00 19.71 ? 86  VAL A CA  1 
ATOM   653 C C   . VAL A 1 86 ? 5.754   -2.366  6.016   1.00 21.76 ? 86  VAL A C   1 
ATOM   654 O O   . VAL A 1 86 ? 6.984   -2.276  5.931   1.00 21.97 ? 86  VAL A O   1 
ATOM   655 C CB  . VAL A 1 86 ? 5.360   -4.851  5.862   1.00 20.67 ? 86  VAL A CB  1 
ATOM   656 C CG1 . VAL A 1 86 ? 4.881   -4.948  7.301   1.00 20.59 ? 86  VAL A CG1 1 
ATOM   657 C CG2 . VAL A 1 86 ? 4.726   -5.954  5.026   1.00 20.33 ? 86  VAL A CG2 1 
ATOM   658 N N   . LEU A 1 87 ? 5.011   -1.516  6.718   1.00 21.18 ? 87  LEU A N   1 
ATOM   659 C CA  . LEU A 1 87 ? 5.601   -0.427  7.488   1.00 23.34 ? 87  LEU A CA  1 
ATOM   660 C C   . LEU A 1 87 ? 5.547   -0.832  8.955   1.00 25.26 ? 87  LEU A C   1 
ATOM   661 O O   . LEU A 1 87 ? 4.531   -1.343  9.421   1.00 26.50 ? 87  LEU A O   1 
ATOM   662 C CB  . LEU A 1 87 ? 4.818   0.870   7.265   1.00 20.74 ? 87  LEU A CB  1 
ATOM   663 C CG  . LEU A 1 87 ? 4.834   1.390   5.819   1.00 23.42 ? 87  LEU A CG  1 
ATOM   664 C CD1 . LEU A 1 87 ? 4.042   2.682   5.725   1.00 25.71 ? 87  LEU A CD1 1 
ATOM   665 C CD2 . LEU A 1 87 ? 6.282   1.628   5.375   1.00 24.26 ? 87  LEU A CD2 1 
ATOM   666 N N   . ALA A 1 88 ? 6.640   -0.611  9.675   1.00 27.65 ? 88  ALA A N   1 
ATOM   667 C CA  . ALA A 1 88 ? 6.699   -0.987  11.081  1.00 29.77 ? 88  ALA A CA  1 
ATOM   668 C C   . ALA A 1 88 ? 7.130   0.174   11.961  1.00 31.50 ? 88  ALA A C   1 
ATOM   669 O O   . ALA A 1 88 ? 7.984   0.976   11.572  1.00 33.22 ? 88  ALA A O   1 
ATOM   670 C CB  . ALA A 1 88 ? 7.658   -2.161  11.260  1.00 30.65 ? 88  ALA A CB  1 
ATOM   671 N N   . LYS A 1 89 ? 6.529   0.247   13.148  1.00 32.92 ? 89  LYS A N   1 
ATOM   672 C CA  . LYS A 1 89 ? 6.818   1.289   14.131  1.00 35.63 ? 89  LYS A CA  1 
ATOM   673 C C   . LYS A 1 89 ? 8.302   1.368   14.482  1.00 36.99 ? 89  LYS A C   1 
ATOM   674 O O   . LYS A 1 89 ? 8.864   0.326   14.892  1.00 38.63 ? 89  LYS A O   1 
ATOM   675 C CB  . LYS A 1 89 ? 6.029   1.030   15.416  1.00 36.06 ? 89  LYS A CB  1 
ATOM   676 C CG  . LYS A 1 89 ? 4.978   2.068   15.739  1.00 38.92 ? 89  LYS A CG  1 
ATOM   677 C CD  . LYS A 1 89 ? 3.799   1.988   14.799  1.00 38.79 ? 89  LYS A CD  1 
ATOM   678 C CE  . LYS A 1 89 ? 2.667   2.869   15.297  1.00 40.06 ? 89  LYS A CE  1 
ATOM   679 N NZ  . LYS A 1 89 ? 2.211   2.461   16.656  1.00 39.84 ? 89  LYS A NZ  1 
ATOM   680 O OXT . LYS A 1 89 ? 8.878   2.475   14.360  1.00 40.44 ? 89  LYS A OXT 1 
HETATM 681 O O   . HOH B 2 .  ? -16.189 -7.823  -19.968 1.00 22.85 ? 90  HOH A O   1 
HETATM 682 O O   . HOH B 2 .  ? -4.786  -1.154  -6.429  1.00 20.26 ? 91  HOH A O   1 
HETATM 683 O O   . HOH B 2 .  ? -14.926 -13.949 -19.903 1.00 30.86 ? 92  HOH A O   1 
HETATM 684 O O   . HOH B 2 .  ? -8.491  8.227   4.666   1.00 34.86 ? 93  HOH A O   1 
HETATM 685 O O   . HOH B 2 .  ? 0.882   9.122   -6.422  1.00 30.45 ? 94  HOH A O   1 
HETATM 686 O O   . HOH B 2 .  ? 2.717   -8.021  -4.066  1.00 27.10 ? 95  HOH A O   1 
HETATM 687 O O   . HOH B 2 .  ? -8.005  0.027   2.328   1.00 26.64 ? 96  HOH A O   1 
HETATM 688 O O   . HOH B 2 .  ? -0.588  -9.921  -4.874  1.00 29.60 ? 97  HOH A O   1 
HETATM 689 O O   . HOH B 2 .  ? -9.024  -9.858  -17.029 1.00 26.76 ? 98  HOH A O   1 
HETATM 690 O O   . HOH B 2 .  ? -11.792 -8.611  -26.131 1.00 24.73 ? 99  HOH A O   1 
HETATM 691 O O   . HOH B 2 .  ? -2.196  -7.839  -18.510 1.00 34.39 ? 100 HOH A O   1 
HETATM 692 O O   . HOH B 2 .  ? -8.649  8.846   11.623  1.00 31.86 ? 101 HOH A O   1 
HETATM 693 O O   . HOH B 2 .  ? -3.953  -14.633 -9.026  1.00 32.99 ? 102 HOH A O   1 
HETATM 694 O O   . HOH B 2 .  ? 12.020  -6.875  1.422   1.00 32.98 ? 103 HOH A O   1 
HETATM 695 O O   . HOH B 2 .  ? -3.552  13.870  -1.886  1.00 38.30 ? 104 HOH A O   1 
HETATM 696 O O   . HOH B 2 .  ? -7.252  3.322   8.304   1.00 43.27 ? 105 HOH A O   1 
HETATM 697 O O   . HOH B 2 .  ? 8.940   12.171  1.076   1.00 37.62 ? 106 HOH A O   1 
HETATM 698 O O   . HOH B 2 .  ? -1.729  8.342   18.961  1.00 42.05 ? 107 HOH A O   1 
HETATM 699 O O   . HOH B 2 .  ? -10.635 -9.916  -10.757 1.00 36.28 ? 108 HOH A O   1 
HETATM 700 O O   . HOH B 2 .  ? -15.703 -8.134  -13.435 1.00 41.61 ? 109 HOH A O   1 
HETATM 701 O O   . HOH B 2 .  ? -9.617  3.460   -3.038  1.00 38.82 ? 110 HOH A O   1 
HETATM 702 O O   . HOH B 2 .  ? -11.285 -8.493  -14.371 1.00 48.83 ? 111 HOH A O   1 
HETATM 703 O O   . HOH B 2 .  ? -14.180 -17.214 -16.173 1.00 47.85 ? 112 HOH A O   1 
HETATM 704 O O   . HOH B 2 .  ? -2.687  14.171  -4.350  1.00 43.63 ? 113 HOH A O   1 
HETATM 705 O O   . HOH B 2 .  ? -4.842  -0.951  -10.810 1.00 54.58 ? 114 HOH A O   1 
HETATM 706 O O   . HOH B 2 .  ? 12.896  8.042   2.371   1.00 40.91 ? 115 HOH A O   1 
HETATM 707 O O   . HOH B 2 .  ? -1.029  -6.202  -3.374  1.00 30.99 ? 116 HOH A O   1 
HETATM 708 O O   . HOH B 2 .  ? 9.275   -13.053 3.356   1.00 43.28 ? 117 HOH A O   1 
HETATM 709 O O   . HOH B 2 .  ? 4.032   8.587   -8.309  1.00 37.06 ? 118 HOH A O   1 
HETATM 710 O O   . HOH B 2 .  ? -0.172  -15.132 -18.926 1.00 49.69 ? 119 HOH A O   1 
HETATM 711 O O   . HOH B 2 .  ? -5.418  -8.418  -4.149  1.00 57.27 ? 120 HOH A O   1 
HETATM 712 O O   . HOH B 2 .  ? -8.329  -9.341  -19.876 1.00 48.50 ? 121 HOH A O   1 
HETATM 713 O O   . HOH B 2 .  ? -12.267 -16.106 -14.683 1.00 38.85 ? 122 HOH A O   1 
HETATM 714 O O   . HOH B 2 .  ? -12.244 -20.718 -14.307 1.00 65.10 ? 123 HOH A O   1 
HETATM 715 O O   . HOH B 2 .  ? 13.012  -5.991  8.099   1.00 48.08 ? 124 HOH A O   1 
HETATM 716 O O   . HOH B 2 .  ? -6.601  -15.411 -20.947 1.00 49.20 ? 125 HOH A O   1 
HETATM 717 O O   . HOH B 2 .  ? 13.726  1.979   3.488   1.00 45.37 ? 126 HOH A O   1 
HETATM 718 O O   . HOH B 2 .  ? -4.701  0.036   14.514  1.00 42.01 ? 127 HOH A O   1 
HETATM 719 O O   . HOH B 2 .  ? 2.242   -15.826 -5.074  1.00 55.00 ? 128 HOH A O   1 
HETATM 720 O O   . HOH B 2 .  ? -3.061  6.415   -8.249  1.00 55.17 ? 129 HOH A O   1 
HETATM 721 O O   . HOH B 2 .  ? 5.705   -0.097  19.622  1.00 61.14 ? 130 HOH A O   1 
HETATM 722 O O   . HOH B 2 .  ? -7.570  11.395  -7.446  1.00 58.34 ? 131 HOH A O   1 
HETATM 723 O O   . HOH B 2 .  ? 3.772   -8.042  2.865   1.00 44.54 ? 132 HOH A O   1 
HETATM 724 O O   . HOH B 2 .  ? 7.191   14.472  2.250   1.00 54.22 ? 133 HOH A O   1 
HETATM 725 O O   . HOH B 2 .  ? 2.560   -7.718  12.452  1.00 59.61 ? 134 HOH A O   1 
HETATM 726 O O   . HOH B 2 .  ? 0.703   -10.475 2.830   1.00 69.64 ? 135 HOH A O   1 
HETATM 727 O O   . HOH B 2 .  ? -8.511  0.999   -2.662  1.00 40.34 ? 136 HOH A O   1 
HETATM 728 O O   . HOH B 2 .  ? -11.153 7.977   11.360  1.00 30.19 ? 137 HOH A O   1 
HETATM 729 O O   . HOH B 2 .  ? 1.075   8.497   -8.922  1.00 33.83 ? 138 HOH A O   1 
HETATM 730 O O   . HOH B 2 .  ? -3.672  -5.840  -4.258  1.00 41.20 ? 139 HOH A O   1 
HETATM 731 O O   . HOH B 2 .  ? -5.464  -3.150  -4.524  1.00 41.88 ? 140 HOH A O   1 
HETATM 732 O O   . HOH B 2 .  ? -6.527  -0.399  7.750   1.00 42.09 ? 141 HOH A O   1 
HETATM 733 O O   . HOH B 2 .  ? -16.106 -18.563 -15.114 1.00 58.59 ? 142 HOH A O   1 
HETATM 734 O O   . HOH B 2 .  ? -9.232  -6.839  -16.992 1.00 35.87 ? 143 HOH A O   1 
HETATM 735 O O   . HOH B 2 .  ? -6.010  -16.247 -9.588  1.00 47.46 ? 144 HOH A O   1 
HETATM 736 O O   . HOH B 2 .  ? -0.385  5.767   -9.001  1.00 53.81 ? 145 HOH A O   1 
HETATM 737 O O   . HOH B 2 .  ? 11.094  13.566  1.941   1.00 49.74 ? 146 HOH A O   1 
HETATM 738 O O   . HOH B 2 .  ? -9.686  -9.434  0.404   1.00 50.03 ? 147 HOH A O   1 
HETATM 739 O O   . HOH B 2 .  ? -11.242 -7.489  -11.486 1.00 41.53 ? 148 HOH A O   1 
HETATM 740 O O   . HOH B 2 .  ? -2.533  11.976  -5.703  1.00 57.50 ? 149 HOH A O   1 
HETATM 741 O O   . HOH B 2 .  ? 7.971   -4.743  13.509  1.00 59.49 ? 150 HOH A O   1 
HETATM 742 O O   . HOH B 2 .  ? -5.715  15.266  -1.030  1.00 49.67 ? 151 HOH A O   1 
HETATM 743 O O   . HOH B 2 .  ? -5.325  -1.660  -13.262 1.00 48.11 ? 152 HOH A O   1 
HETATM 744 O O   . HOH B 2 .  ? -14.014 -18.541 -18.485 1.00 44.27 ? 153 HOH A O   1 
HETATM 745 O O   . HOH B 2 .  ? -13.998 -9.186  -11.193 1.00 52.00 ? 154 HOH A O   1 
HETATM 746 O O   . HOH B 2 .  ? -11.032 -6.000  -15.085 1.00 41.78 ? 155 HOH A O   1 
HETATM 747 O O   . HOH B 2 .  ? -2.112  15.883  -0.694  1.00 57.46 ? 156 HOH A O   1 
HETATM 748 O O   . HOH B 2 .  ? -8.419  0.876   18.835  1.00 71.71 ? 157 HOH A O   1 
HETATM 749 O O   . HOH B 2 .  ? 13.497  1.739   6.358   1.00 61.80 ? 158 HOH A O   1 
HETATM 750 O O   . HOH B 2 .  ? 8.527   3.633   16.749  1.00 64.12 ? 159 HOH A O   1 
HETATM 751 O O   . HOH B 2 .  ? -10.542 -8.113  -8.512  1.00 66.34 ? 160 HOH A O   1 
HETATM 752 O O   . HOH B 2 .  ? -8.617  -13.650 -27.338 1.00 61.69 ? 161 HOH A O   1 
HETATM 753 O O   . HOH B 2 .  ? -7.998  -11.610 -28.942 1.00 56.05 ? 162 HOH A O   1 
HETATM 754 O O   . HOH B 2 .  ? -1.112  -8.691  -2.676  1.00 48.12 ? 163 HOH A O   1 
HETATM 755 O O   . HOH B 2 .  ? 6.453   2.595   19.531  1.00 62.21 ? 164 HOH A O   1 
HETATM 756 O O   . HOH B 2 .  ? -4.402  -20.121 -13.017 1.00 56.33 ? 165 HOH A O   1 
HETATM 757 O O   . HOH B 2 .  ? 2.764   14.188  11.921  1.00 61.28 ? 166 HOH A O   1 
HETATM 758 O O   . HOH B 2 .  ? -8.695  -0.897  -4.779  1.00 50.89 ? 167 HOH A O   1 
HETATM 759 O O   . HOH B 2 .  ? -5.452  -1.589  17.107  1.00 70.11 ? 168 HOH A O   1 
HETATM 760 O O   . HOH B 2 .  ? 11.718  -9.423  2.421   1.00 67.52 ? 169 HOH A O   1 
HETATM 761 O O   . HOH B 2 .  ? 15.603  4.777   6.194   1.00 68.80 ? 170 HOH A O   1 
HETATM 762 O O   . HOH B 2 .  ? -3.532  -14.169 -17.129 1.00 63.15 ? 171 HOH A O   1 
HETATM 763 O O   . HOH B 2 .  ? -10.414 -1.107  2.319   1.00 54.23 ? 172 HOH A O   1 
HETATM 764 O O   . HOH B 2 .  ? -10.302 7.420   -11.356 1.00 65.45 ? 173 HOH A O   1 
HETATM 765 O O   . HOH B 2 .  ? -6.429  13.789  -7.470  1.00 63.03 ? 174 HOH A O   1 
HETATM 766 O O   . HOH B 2 .  ? 1.453   -15.248 -10.523 1.00 46.03 ? 175 HOH A O   1 
HETATM 767 O O   . HOH B 2 .  ? -7.831  -7.612  -3.490  1.00 59.58 ? 176 HOH A O   1 
HETATM 768 O O   . HOH B 2 .  ? -5.964  -4.100  -12.142 1.00 48.31 ? 177 HOH A O   1 
HETATM 769 O O   . HOH B 2 .  ? -11.229 -14.215 -8.946  1.00 73.59 ? 178 HOH A O   1 
HETATM 770 O O   . HOH B 2 .  ? -15.486 -13.247 -24.880 1.00 62.03 ? 179 HOH A O   1 
HETATM 771 O O   . HOH B 2 .  ? 9.228   -10.361 -3.668  1.00 47.24 ? 180 HOH A O   1 
HETATM 772 O O   . HOH B 2 .  ? -9.619  -17.245 -7.917  1.00 49.15 ? 181 HOH A O   1 
HETATM 773 O O   . HOH B 2 .  ? -9.905  -5.317  0.271   1.00 45.18 ? 182 HOH A O   1 
HETATM 774 O O   . HOH B 2 .  ? -13.094 -4.491  -11.391 1.00 39.00 ? 183 HOH A O   1 
HETATM 775 O O   . HOH B 2 .  ? 6.226   -3.223  14.849  1.00 60.96 ? 184 HOH A O   1 
HETATM 776 O O   . HOH B 2 .  ? -10.746 -7.214  -1.884  1.00 51.09 ? 185 HOH A O   1 
HETATM 777 O O   . HOH B 2 .  ? -9.687  -3.971  -2.428  1.00 51.42 ? 186 HOH A O   1 
HETATM 778 O O   . HOH B 2 .  ? -5.136  16.051  -6.542  1.00 42.12 ? 187 HOH A O   1 
HETATM 779 O O   . HOH B 2 .  ? 11.239  10.530  16.023  1.00 51.08 ? 188 HOH A O   1 
HETATM 780 O O   . HOH B 2 .  ? 9.394   -0.061  18.356  1.00 65.81 ? 189 HOH A O   1 
HETATM 781 O O   . HOH B 2 .  ? -0.857  -14.984 -11.773 1.00 51.65 ? 190 HOH A O   1 
HETATM 782 O O   . HOH B 2 .  ? -9.179  3.899   13.596  1.00 66.94 ? 191 HOH A O   1 
HETATM 783 O O   . HOH B 2 .  ? 2.457   19.002  6.755   1.00 47.84 ? 192 HOH A O   1 
HETATM 784 O O   . HOH B 2 .  ? -6.816  -1.153  19.617  1.00 54.09 ? 193 HOH A O   1 
HETATM 785 O O   . HOH B 2 .  ? 2.108   6.469   -16.289 1.00 47.44 ? 194 HOH A O   1 
HETATM 786 O O   . HOH B 2 .  ? 13.589  5.744   15.391  1.00 51.61 ? 195 HOH A O   1 
HETATM 787 O O   . HOH B 2 .  ? 2.332   -10.087 -2.307  1.00 64.05 ? 196 HOH A O   1 
HETATM 788 O O   . HOH B 2 .  ? -5.974  -11.882 -5.840  1.00 53.73 ? 197 HOH A O   1 
HETATM 789 O O   . HOH B 2 .  ? -5.066  -11.974 -29.510 1.00 57.73 ? 198 HOH A O   1 
HETATM 790 O O   . HOH B 2 .  ? -11.067 6.738   -14.364 1.00 60.96 ? 199 HOH A O   1 
HETATM 791 O O   . HOH B 2 .  ? -9.694  -7.007  2.292   1.00 62.32 ? 200 HOH A O   1 
HETATM 792 O O   . HOH B 2 .  ? -11.084 -10.472 -23.976 1.00 46.86 ? 201 HOH A O   1 
HETATM 793 O O   . HOH B 2 .  ? 14.976  13.270  4.889   1.00 44.80 ? 202 HOH A O   1 
HETATM 794 O O   . HOH B 2 .  ? -0.195  -15.017 -14.392 1.00 36.10 ? 203 HOH A O   1 
HETATM 795 O O   . HOH B 2 .  ? -11.002 2.653   4.082   1.00 59.26 ? 204 HOH A O   1 
HETATM 796 O O   . HOH B 2 .  ? 0.922   19.502  4.099   1.00 73.45 ? 205 HOH A O   1 
HETATM 797 O O   . HOH B 2 .  ? 13.767  -10.793 0.801   1.00 52.29 ? 206 HOH A O   1 
HETATM 798 O O   . HOH B 2 .  ? -10.123 5.906   3.353   1.00 59.10 ? 207 HOH A O   1 
HETATM 799 O O   . HOH B 2 .  ? 1.920   0.293   18.847  1.00 61.04 ? 208 HOH A O   1 
HETATM 800 O O   . HOH B 2 .  ? 6.303   -9.857  13.798  1.00 74.91 ? 209 HOH A O   1 
HETATM 801 O O   . HOH B 2 .  ? 9.683   0.244   21.571  1.00 49.25 ? 210 HOH A O   1 
HETATM 802 O O   . HOH B 2 .  ? -0.550  -3.013  19.580  1.00 49.97 ? 211 HOH A O   1 
HETATM 803 O O   . HOH B 2 .  ? -7.766  4.053   2.577   1.00 55.35 ? 212 HOH A O   1 
HETATM 804 O O   . HOH B 2 .  ? -12.549 -8.910  0.410   1.00 53.26 ? 213 HOH A O   1 
HETATM 805 O O   . HOH B 2 .  ? 0.949   -18.470 -20.922 1.00 54.60 ? 214 HOH A O   1 
HETATM 806 O O   . HOH B 2 .  ? -7.373  8.742   -10.817 1.00 69.55 ? 215 HOH A O   1 
HETATM 807 O O   . HOH B 2 .  ? 13.810  -9.686  7.267   1.00 59.83 ? 216 HOH A O   1 
HETATM 808 O O   . HOH B 2 .  ? 12.993  8.760   8.897   1.00 54.01 ? 217 HOH A O   1 
HETATM 809 O O   . HOH B 2 .  ? -7.977  1.734   21.904  1.00 51.51 ? 218 HOH A O   1 
HETATM 810 O O   . HOH B 2 .  ? 4.192   -10.257 4.240   1.00 63.60 ? 219 HOH A O   1 
HETATM 811 O O   . HOH B 2 .  ? -13.701 -13.726 -7.851  1.00 61.87 ? 220 HOH A O   1 
HETATM 812 O O   . HOH B 2 .  ? 8.689   15.369  11.574  1.00 59.00 ? 221 HOH A O   1 
HETATM 813 O O   . HOH B 2 .  ? -1.086  2.869   18.281  1.00 70.58 ? 222 HOH A O   1 
HETATM 814 O O   . HOH B 2 .  ? -10.727 -3.061  -7.562  1.00 66.36 ? 223 HOH A O   1 
HETATM 815 O O   . HOH B 2 .  ? 9.466   17.707  5.725   1.00 51.30 ? 224 HOH A O   1 
HETATM 816 O O   . HOH B 2 .  ? -4.573  -14.688 -28.155 1.00 54.61 ? 225 HOH A O   1 
HETATM 817 O O   . HOH B 2 .  ? -14.889 -11.542 -10.196 1.00 66.24 ? 226 HOH A O   1 
HETATM 818 O O   . HOH B 2 .  ? 7.431   -1.824  18.136  1.00 59.70 ? 227 HOH A O   1 
HETATM 819 O O   . HOH B 2 .  ? -18.842 -18.521 -14.168 1.00 56.49 ? 228 HOH A O   1 
HETATM 820 O O   . HOH B 2 .  ? 12.213  -4.458  3.211   1.00 64.30 ? 229 HOH A O   1 
HETATM 821 O O   . HOH B 2 .  ? -6.168  -8.105  -23.340 1.00 74.25 ? 230 HOH A O   1 
HETATM 822 O O   . HOH B 2 .  ? -10.523 2.647   0.249   1.00 70.59 ? 231 HOH A O   1 
HETATM 823 O O   . HOH B 2 .  ? 12.781  1.958   18.025  1.00 72.83 ? 232 HOH A O   1 
HETATM 824 O O   . HOH B 2 .  ? 0.680   -12.166 -3.580  1.00 47.40 ? 233 HOH A O   1 
HETATM 825 O O   . HOH B 2 .  ? -12.290 8.940   -4.184  1.00 68.33 ? 234 HOH A O   1 
HETATM 826 O O   . HOH B 2 .  ? -5.630  -3.870  20.872  1.00 39.77 ? 235 HOH A O   1 
HETATM 827 O O   . HOH B 2 .  ? -0.449  -4.566  15.753  1.00 63.35 ? 236 HOH A O   1 
HETATM 828 O O   . HOH B 2 .  ? -3.459  -7.512  -2.182  1.00 66.59 ? 237 HOH A O   1 
HETATM 829 O O   . HOH B 2 .  ? 12.234  14.061  6.754   1.00 65.25 ? 238 HOH A O   1 
HETATM 830 O O   . HOH B 2 .  ? 11.732  -9.979  5.613   1.00 66.00 ? 239 HOH A O   1 
HETATM 831 O O   . HOH B 2 .  ? -6.561  -0.850  22.262  1.00 69.51 ? 240 HOH A O   1 
HETATM 832 O O   . HOH B 2 .  ? -9.882  4.527   -5.912  1.00 66.59 ? 241 HOH A O   1 
HETATM 833 O O   . HOH B 2 .  ? -8.148  -5.174  -4.359  1.00 73.86 ? 242 HOH A O   1 
HETATM 834 O O   . HOH B 2 .  ? -0.880  20.187  1.806   1.00 65.12 ? 243 HOH A O   1 
HETATM 835 O O   . HOH B 2 .  ? 1.828   -6.089  14.496  1.00 72.35 ? 244 HOH A O   1 
HETATM 836 O O   . HOH B 2 .  ? -6.286  -16.041 -23.489 1.00 59.53 ? 245 HOH A O   1 
HETATM 837 O O   . HOH B 2 .  ? -10.546 -4.899  -11.830 1.00 65.64 ? 246 HOH A O   1 
HETATM 838 O O   . HOH B 2 .  ? -1.156  -4.600  12.972  1.00 54.49 ? 247 HOH A O   1 
HETATM 839 O O   . HOH B 2 .  ? -0.069  12.760  10.809  1.00 73.33 ? 248 HOH A O   1 
HETATM 840 O O   . HOH B 2 .  ? -10.467 10.617  -5.920  1.00 69.84 ? 249 HOH A O   1 
HETATM 841 O O   . HOH B 2 .  ? 2.028   4.150   -18.746 1.00 64.17 ? 250 HOH A O   1 
HETATM 842 O O   . HOH B 2 .  ? -7.326  3.880   20.428  1.00 66.01 ? 251 HOH A O   1 
HETATM 843 O O   . HOH B 2 .  ? -8.293  5.325   -11.798 1.00 59.18 ? 252 HOH A O   1 
HETATM 844 O O   . HOH B 2 .  ? -12.487 4.052   -5.981  1.00 65.44 ? 253 HOH A O   1 
# 
